data_4ISB
#
_entry.id   4ISB
#
_cell.length_a   57.318
_cell.length_b   107.913
_cell.length_c   85.689
_cell.angle_alpha   90.000
_cell.angle_beta   106.920
_cell.angle_gamma   90.000
#
_symmetry.space_group_name_H-M   'P 1 21 1'
#
loop_
_entity.id
_entity.type
_entity.pdbx_description
1 polymer 'Long chain fatty acid CoA ligase FadD10'
2 non-polymer 'SULFATE ION'
3 water water
#
_entity_poly.entity_id   1
_entity_poly.type   'polypeptide(L)'
_entity_poly.pdbx_seq_one_letter_code
;S(MSE)GGKKFQA(MSE)PQLPSTVLDRVFEQARQQPEAIALRRCDGTSALRYRELVAEVGGLAADLRAQSVSRGSRVLV
ISDNGPETYLSVLACAKLGAIAV(MSE)ADGNLPIAAIERFCQITDPAAALVAPGSK(MSE)ASSAVPEALHSIPVIAVD
IAAVTRESEHSLDAASLAGNADQGSEDPLA(MSE)IFTSGTTGEPKAVLLANRTFFAVPDILQKEGLNWVTWVVGETTYS
PLPATHIGGLWWILTCL(MSE)HGGLCVTGGENTTSLLEILTTNAVATTCLVPTLLSKLVSELKSANATVPSLRLVGYGG
SRAIAADVRFIEATGVRTAQVYGLSETGCTALCLPTDDGSIVKIEAGAVGRPYPGVDVYLAATDGIGPTAPGAGPSASFG
TLWIKSPAN(MSE)LGYWNNPERTAEVLIDGWVNTGDLLERREDGFFYIKGRSSE(MSE)IICGGVNIAPDEVDRIAEGV
SGVREAACYEIPDEEFGALVGLAVVASAELDESAARALKHTIAARFRRESEP(MSE)ARPSTIVIVTDIPRTQSGKV
(MSE)RASLAAAATADKARVVVRG
;
_entity_poly.pdbx_strand_id   A,B
#
loop_
_chem_comp.id
_chem_comp.type
_chem_comp.name
_chem_comp.formula
SO4 non-polymer 'SULFATE ION' 'O4 S -2'
#
# COMPACT_ATOMS: atom_id res chain seq x y z
N MSE A 10 -6.51 -21.72 -36.00
CA MSE A 10 -5.65 -22.49 -35.12
C MSE A 10 -4.47 -23.02 -35.90
O MSE A 10 -3.46 -22.32 -36.03
CB MSE A 10 -6.43 -23.64 -34.51
CG MSE A 10 -5.56 -24.40 -33.51
SE MSE A 10 -6.24 -24.09 -31.69
CE MSE A 10 -5.35 -25.62 -30.79
N PRO A 11 -4.58 -24.26 -36.40
CA PRO A 11 -3.45 -24.87 -37.13
C PRO A 11 -3.24 -24.35 -38.56
N GLN A 12 -4.30 -23.90 -39.20
CA GLN A 12 -4.21 -23.27 -40.51
C GLN A 12 -3.40 -21.96 -40.51
N LEU A 13 -3.25 -21.34 -39.34
CA LEU A 13 -2.70 -19.99 -39.27
C LEU A 13 -1.26 -20.07 -38.76
N PRO A 14 -0.43 -19.07 -39.14
CA PRO A 14 0.96 -18.97 -38.67
C PRO A 14 1.02 -18.98 -37.14
N SER A 15 2.17 -19.33 -36.58
CA SER A 15 2.27 -19.51 -35.15
C SER A 15 3.18 -18.49 -34.49
N THR A 16 3.42 -17.37 -35.18
CA THR A 16 4.07 -16.25 -34.53
C THR A 16 3.26 -15.01 -34.81
N VAL A 17 3.39 -14.03 -33.93
CA VAL A 17 2.72 -12.75 -34.10
C VAL A 17 3.16 -12.08 -35.40
N LEU A 18 4.48 -11.97 -35.58
CA LEU A 18 5.08 -11.34 -36.78
C LEU A 18 4.46 -11.91 -38.05
N ASP A 19 4.38 -13.24 -38.12
CA ASP A 19 3.89 -13.88 -39.34
C ASP A 19 2.40 -13.60 -39.56
N ARG A 20 1.61 -13.49 -38.50
CA ARG A 20 0.20 -13.10 -38.68
C ARG A 20 0.10 -11.66 -39.15
N VAL A 21 0.96 -10.77 -38.63
CA VAL A 21 0.98 -9.39 -39.12
C VAL A 21 1.29 -9.37 -40.62
N PHE A 22 2.32 -10.11 -41.01
CA PHE A 22 2.73 -10.16 -42.42
C PHE A 22 1.64 -10.72 -43.32
N GLU A 23 0.85 -11.65 -42.79
CA GLU A 23 -0.26 -12.20 -43.59
C GLU A 23 -1.27 -11.10 -43.94
N GLN A 24 -1.59 -10.28 -42.94
CA GLN A 24 -2.55 -9.21 -43.11
C GLN A 24 -2.04 -8.23 -44.12
N ALA A 25 -0.77 -7.87 -43.96
CA ALA A 25 -0.12 -6.96 -44.89
C ALA A 25 -0.22 -7.44 -46.35
N ARG A 26 -0.13 -8.74 -46.57
CA ARG A 26 -0.24 -9.25 -47.91
C ARG A 26 -1.67 -9.11 -48.39
N GLN A 27 -2.64 -9.27 -47.48
CA GLN A 27 -4.04 -9.17 -47.89
C GLN A 27 -4.48 -7.72 -48.13
N GLN A 28 -3.92 -6.79 -47.36
CA GLN A 28 -4.27 -5.39 -47.50
C GLN A 28 -3.07 -4.48 -47.27
N PRO A 29 -2.18 -4.39 -48.28
CA PRO A 29 -0.93 -3.64 -48.15
C PRO A 29 -1.15 -2.15 -48.15
N GLU A 30 -2.30 -1.70 -48.64
CA GLU A 30 -2.58 -0.26 -48.76
C GLU A 30 -3.27 0.37 -47.53
N ALA A 31 -3.81 -0.48 -46.68
CA ALA A 31 -4.50 -0.02 -45.48
C ALA A 31 -3.48 0.47 -44.45
N ILE A 32 -3.83 1.50 -43.70
CA ILE A 32 -2.94 1.99 -42.65
C ILE A 32 -2.92 1.00 -41.48
N ALA A 33 -1.72 0.63 -41.05
CA ALA A 33 -1.53 -0.29 -39.94
C ALA A 33 -1.46 0.48 -38.64
N LEU A 34 -0.73 1.60 -38.67
CA LEU A 34 -0.44 2.35 -37.45
C LEU A 34 -0.32 3.82 -37.77
N ARG A 35 -0.73 4.64 -36.82
CA ARG A 35 -0.49 6.08 -36.86
C ARG A 35 -0.77 6.66 -35.47
N ARG A 36 -0.25 7.85 -35.19
CA ARG A 36 -0.57 8.54 -33.94
C ARG A 36 -1.95 9.20 -34.01
N CYS A 37 -2.46 9.66 -32.87
CA CYS A 37 -3.78 10.29 -32.81
C CYS A 37 -3.95 11.46 -33.77
N ASP A 38 -2.96 12.34 -33.78
CA ASP A 38 -2.98 13.50 -34.66
C ASP A 38 -2.64 13.12 -36.10
N GLY A 39 -2.45 11.84 -36.38
CA GLY A 39 -2.24 11.38 -37.75
C GLY A 39 -0.80 11.30 -38.24
N THR A 40 0.17 11.61 -37.37
CA THR A 40 1.58 11.48 -37.74
C THR A 40 2.13 10.06 -37.57
N SER A 41 3.38 9.89 -38.02
CA SER A 41 4.08 8.62 -37.99
C SER A 41 3.30 7.48 -38.63
N ALA A 42 2.53 7.76 -39.68
CA ALA A 42 1.61 6.79 -40.27
C ALA A 42 2.30 5.72 -41.13
N LEU A 43 2.00 4.45 -40.86
CA LEU A 43 2.52 3.36 -41.69
C LEU A 43 1.40 2.55 -42.31
N ARG A 44 1.45 2.32 -43.63
CA ARG A 44 0.57 1.33 -44.25
C ARG A 44 1.11 -0.08 -43.98
N TYR A 45 0.28 -1.10 -44.17
CA TYR A 45 0.74 -2.47 -43.92
C TYR A 45 2.00 -2.80 -44.73
N ARG A 46 2.00 -2.43 -46.01
CA ARG A 46 3.19 -2.57 -46.87
C ARG A 46 4.41 -1.78 -46.35
N GLU A 47 4.18 -0.57 -45.86
CA GLU A 47 5.28 0.25 -45.34
C GLU A 47 5.79 -0.32 -44.02
N LEU A 48 4.89 -0.87 -43.21
CA LEU A 48 5.26 -1.52 -41.95
C LEU A 48 6.20 -2.68 -42.22
N VAL A 49 5.81 -3.51 -43.19
CA VAL A 49 6.58 -4.68 -43.55
C VAL A 49 8.00 -4.30 -43.93
N ALA A 50 8.13 -3.34 -44.84
CA ALA A 50 9.45 -2.90 -45.25
C ALA A 50 10.18 -2.21 -44.09
N GLU A 51 9.47 -1.49 -43.22
CA GLU A 51 10.17 -0.82 -42.14
C GLU A 51 10.70 -1.88 -41.19
N VAL A 52 9.86 -2.86 -40.86
CA VAL A 52 10.31 -3.96 -40.02
C VAL A 52 11.55 -4.66 -40.60
N GLY A 53 11.53 -4.89 -41.91
CA GLY A 53 12.70 -5.41 -42.60
C GLY A 53 13.91 -4.52 -42.36
N GLY A 54 13.73 -3.21 -42.47
CA GLY A 54 14.85 -2.28 -42.32
C GLY A 54 15.46 -2.32 -40.94
N LEU A 55 14.60 -2.22 -39.93
CA LEU A 55 15.05 -2.10 -38.55
C LEU A 55 15.71 -3.38 -38.02
N ALA A 56 15.22 -4.55 -38.45
CA ALA A 56 15.82 -5.81 -38.02
C ALA A 56 17.18 -6.02 -38.66
N ALA A 57 17.36 -5.52 -39.88
CA ALA A 57 18.67 -5.59 -40.55
C ALA A 57 19.70 -4.70 -39.84
N ASP A 58 19.25 -3.59 -39.25
CA ASP A 58 20.09 -2.78 -38.36
C ASP A 58 20.45 -3.58 -37.10
N LEU A 59 19.46 -4.29 -36.56
CA LEU A 59 19.68 -5.06 -35.33
C LEU A 59 20.56 -6.30 -35.55
N ARG A 60 20.37 -6.99 -36.68
CA ARG A 60 21.21 -8.14 -37.00
C ARG A 60 22.64 -7.63 -37.15
N ALA A 61 22.80 -6.52 -37.89
CA ALA A 61 24.08 -5.84 -38.09
C ALA A 61 24.77 -5.52 -36.77
N GLN A 62 23.98 -5.04 -35.81
CA GLN A 62 24.47 -4.80 -34.46
C GLN A 62 24.51 -6.07 -33.58
N SER A 63 24.58 -7.25 -34.19
CA SER A 63 24.77 -8.54 -33.48
C SER A 63 23.58 -9.12 -32.68
N VAL A 64 22.38 -8.59 -32.90
CA VAL A 64 21.20 -9.10 -32.20
C VAL A 64 20.76 -10.41 -32.87
N SER A 65 20.65 -11.45 -32.05
CA SER A 65 20.32 -12.78 -32.56
C SER A 65 19.12 -13.36 -31.82
N ARG A 66 18.77 -14.60 -32.14
CA ARG A 66 17.65 -15.25 -31.50
C ARG A 66 17.98 -15.42 -30.04
N GLY A 67 17.05 -15.02 -29.18
CA GLY A 67 17.27 -15.12 -27.75
C GLY A 67 17.86 -13.85 -27.17
N SER A 68 18.38 -12.97 -28.02
CA SER A 68 18.89 -11.68 -27.54
C SER A 68 17.75 -10.81 -26.94
N ARG A 69 18.07 -9.98 -25.96
CA ARG A 69 17.11 -9.04 -25.39
C ARG A 69 17.34 -7.66 -26.00
N VAL A 70 16.29 -6.97 -26.42
CA VAL A 70 16.44 -5.61 -26.91
C VAL A 70 15.51 -4.73 -26.07
N LEU A 71 16.09 -3.71 -25.43
CA LEU A 71 15.31 -2.77 -24.63
C LEU A 71 14.58 -1.78 -25.54
N VAL A 72 13.25 -1.81 -25.49
CA VAL A 72 12.45 -0.90 -26.33
C VAL A 72 11.95 0.30 -25.51
N ILE A 73 12.59 1.46 -25.67
CA ILE A 73 12.12 2.59 -24.89
C ILE A 73 10.92 3.23 -25.58
N SER A 74 9.76 2.98 -24.98
CA SER A 74 8.45 3.18 -25.59
C SER A 74 7.85 4.58 -25.45
N ASP A 75 7.39 5.14 -26.57
CA ASP A 75 6.52 6.32 -26.57
C ASP A 75 5.06 5.96 -26.86
N ASN A 76 4.76 4.65 -26.88
CA ASN A 76 3.44 4.11 -27.22
C ASN A 76 3.02 4.28 -28.68
N GLY A 77 3.90 4.87 -29.49
CA GLY A 77 3.55 5.17 -30.86
C GLY A 77 3.91 4.09 -31.87
N PRO A 78 3.63 4.37 -33.17
CA PRO A 78 3.91 3.47 -34.27
C PRO A 78 5.33 2.92 -34.20
N GLU A 79 6.31 3.78 -33.90
CA GLU A 79 7.69 3.34 -33.85
C GLU A 79 7.90 2.30 -32.73
N THR A 80 7.15 2.45 -31.64
CA THR A 80 7.23 1.47 -30.57
C THR A 80 6.83 0.08 -31.08
N TYR A 81 5.79 0.01 -31.92
CA TYR A 81 5.31 -1.28 -32.40
C TYR A 81 6.14 -1.85 -33.57
N LEU A 82 6.63 -0.98 -34.43
CA LEU A 82 7.63 -1.39 -35.41
C LEU A 82 8.83 -2.04 -34.69
N SER A 83 9.24 -1.46 -33.56
CA SER A 83 10.37 -1.96 -32.78
C SER A 83 10.15 -3.38 -32.22
N VAL A 84 8.95 -3.63 -31.72
CA VAL A 84 8.58 -4.95 -31.25
C VAL A 84 8.65 -5.94 -32.41
N LEU A 85 8.08 -5.55 -33.55
CA LEU A 85 8.02 -6.42 -34.72
C LEU A 85 9.39 -6.65 -35.34
N ALA A 86 10.28 -5.68 -35.24
CA ALA A 86 11.63 -5.87 -35.75
C ALA A 86 12.37 -6.87 -34.85
N CYS A 87 12.17 -6.79 -33.53
CA CYS A 87 12.70 -7.81 -32.63
C CYS A 87 12.17 -9.20 -33.01
N ALA A 88 10.86 -9.33 -33.17
CA ALA A 88 10.22 -10.59 -33.55
C ALA A 88 10.83 -11.21 -34.82
N LYS A 89 11.17 -10.34 -35.78
CA LYS A 89 11.84 -10.77 -37.01
C LYS A 89 13.13 -11.57 -36.75
N LEU A 90 13.86 -11.23 -35.69
CA LEU A 90 15.14 -11.89 -35.42
C LEU A 90 15.07 -13.00 -34.34
N GLY A 91 13.88 -13.19 -33.75
CA GLY A 91 13.76 -14.08 -32.61
C GLY A 91 14.31 -13.44 -31.36
N ALA A 92 14.49 -12.13 -31.42
CA ALA A 92 14.90 -11.37 -30.26
C ALA A 92 13.69 -11.07 -29.36
N ILE A 93 13.97 -10.86 -28.06
CA ILE A 93 12.93 -10.56 -27.08
C ILE A 93 12.86 -9.04 -26.85
N ALA A 94 11.67 -8.44 -27.07
CA ALA A 94 11.47 -7.01 -26.92
C ALA A 94 11.12 -6.64 -25.47
N VAL A 95 12.08 -6.08 -24.74
CA VAL A 95 11.79 -5.67 -23.37
C VAL A 95 11.13 -4.30 -23.43
N MSE A 96 9.99 -4.16 -22.77
CA MSE A 96 9.25 -2.92 -22.85
C MSE A 96 9.60 -2.07 -21.67
O MSE A 96 9.35 -2.47 -20.51
CB MSE A 96 7.75 -3.20 -22.83
CG MSE A 96 7.36 -4.33 -23.78
SE MSE A 96 7.86 -3.88 -25.63
CE MSE A 96 6.87 -2.21 -25.81
N ALA A 97 10.14 -0.89 -21.95
CA ALA A 97 10.49 0.06 -20.90
C ALA A 97 9.80 1.39 -21.17
N ASP A 98 9.18 1.94 -20.14
CA ASP A 98 8.45 3.21 -20.25
C ASP A 98 9.42 4.41 -20.35
N GLY A 99 9.22 5.25 -21.36
CA GLY A 99 10.10 6.38 -21.64
C GLY A 99 10.14 7.37 -20.50
N ASN A 100 9.01 7.56 -19.84
CA ASN A 100 8.90 8.54 -18.77
C ASN A 100 9.82 8.22 -17.59
N LEU A 101 9.94 6.94 -17.27
CA LEU A 101 10.66 6.52 -16.08
C LEU A 101 12.10 7.01 -16.04
N PRO A 102 12.54 7.38 -14.83
CA PRO A 102 13.88 7.89 -14.55
C PRO A 102 14.98 6.86 -14.86
N ILE A 103 16.12 7.32 -15.40
CA ILE A 103 17.14 6.41 -15.93
C ILE A 103 17.56 5.32 -14.92
N ALA A 104 17.40 5.58 -13.64
CA ALA A 104 17.71 4.57 -12.62
C ALA A 104 16.77 3.38 -12.72
N ALA A 105 15.54 3.60 -13.15
CA ALA A 105 14.61 2.49 -13.36
C ALA A 105 15.01 1.71 -14.60
N ILE A 106 15.39 2.43 -15.65
CA ILE A 106 15.87 1.85 -16.89
C ILE A 106 17.08 0.95 -16.64
N GLU A 107 18.09 1.49 -15.96
CA GLU A 107 19.32 0.75 -15.69
C GLU A 107 19.05 -0.55 -14.95
N ARG A 108 18.04 -0.52 -14.08
CA ARG A 108 17.63 -1.70 -13.30
C ARG A 108 17.02 -2.76 -14.23
N PHE A 109 16.19 -2.33 -15.17
CA PHE A 109 15.63 -3.22 -16.20
C PHE A 109 16.78 -3.89 -16.93
N CYS A 110 17.82 -3.10 -17.21
CA CYS A 110 19.02 -3.55 -17.89
C CYS A 110 19.85 -4.53 -17.07
N GLN A 111 19.77 -4.43 -15.75
CA GLN A 111 20.48 -5.38 -14.89
C GLN A 111 19.83 -6.75 -14.99
N ILE A 112 18.50 -6.74 -14.92
CA ILE A 112 17.68 -7.94 -14.94
C ILE A 112 17.75 -8.65 -16.28
N THR A 113 17.59 -7.88 -17.36
CA THR A 113 17.37 -8.42 -18.71
C THR A 113 18.64 -8.60 -19.57
N ASP A 114 19.68 -7.86 -19.25
CA ASP A 114 20.93 -7.81 -20.03
C ASP A 114 20.73 -7.61 -21.54
N PRO A 115 20.21 -6.45 -21.95
CA PRO A 115 20.00 -6.21 -23.39
C PRO A 115 21.27 -6.20 -24.25
N ALA A 116 21.14 -6.53 -25.53
CA ALA A 116 22.21 -6.46 -26.50
C ALA A 116 22.10 -5.15 -27.29
N ALA A 117 20.89 -4.59 -27.32
CA ALA A 117 20.68 -3.28 -27.92
C ALA A 117 19.50 -2.57 -27.27
N ALA A 118 19.31 -1.30 -27.65
CA ALA A 118 18.17 -0.54 -27.17
C ALA A 118 17.57 0.28 -28.31
N LEU A 119 16.25 0.29 -28.39
CA LEU A 119 15.58 0.99 -29.47
C LEU A 119 14.73 2.07 -28.84
N VAL A 120 14.82 3.27 -29.40
CA VAL A 120 14.30 4.46 -28.74
C VAL A 120 13.27 5.12 -29.63
N ALA A 121 12.00 5.11 -29.20
CA ALA A 121 10.94 5.81 -29.94
C ALA A 121 11.08 7.34 -29.80
N PRO A 122 10.61 8.12 -30.81
CA PRO A 122 10.75 9.60 -30.82
C PRO A 122 10.24 10.35 -29.57
N GLY A 123 9.20 9.83 -28.91
CA GLY A 123 8.57 10.51 -27.80
C GLY A 123 9.22 10.24 -26.46
N SER A 124 10.28 9.44 -26.46
CA SER A 124 11.06 9.20 -25.24
C SER A 124 12.52 9.62 -25.47
N LYS A 125 12.75 10.19 -26.65
CA LYS A 125 14.07 10.42 -27.21
C LYS A 125 14.99 11.34 -26.42
N MSE A 126 14.46 12.40 -25.81
CA MSE A 126 15.25 13.23 -24.91
C MSE A 126 15.65 12.52 -23.64
O MSE A 126 16.80 12.64 -23.18
CB MSE A 126 14.48 14.53 -24.60
CG MSE A 126 14.45 15.45 -25.82
SE MSE A 126 16.18 15.43 -26.76
CE MSE A 126 17.16 16.65 -25.57
N ALA A 127 14.70 11.77 -23.07
CA ALA A 127 14.88 10.98 -21.86
C ALA A 127 15.76 9.82 -22.25
N SER A 128 15.53 9.33 -23.46
CA SER A 128 16.35 8.30 -24.06
C SER A 128 17.76 8.86 -24.18
N SER A 129 17.86 10.16 -24.45
CA SER A 129 19.12 10.83 -24.76
C SER A 129 20.14 10.70 -23.64
N ALA A 130 19.66 10.74 -22.40
CA ALA A 130 20.51 10.45 -21.25
C ALA A 130 21.02 9.02 -21.35
N VAL A 131 20.16 8.14 -21.85
CA VAL A 131 20.41 6.69 -21.83
C VAL A 131 21.64 6.26 -22.61
N PRO A 132 21.87 6.85 -23.77
CA PRO A 132 23.00 6.43 -24.62
C PRO A 132 24.31 6.57 -23.87
N GLU A 133 24.44 7.66 -23.12
CA GLU A 133 25.61 7.90 -22.30
C GLU A 133 25.61 6.94 -21.11
N ALA A 134 24.46 6.78 -20.46
CA ALA A 134 24.36 5.84 -19.37
C ALA A 134 24.56 4.41 -19.86
N LEU A 135 23.91 4.09 -20.97
CA LEU A 135 24.08 2.81 -21.63
C LEU A 135 25.18 2.86 -22.67
N HIS A 136 26.42 3.04 -22.23
CA HIS A 136 27.56 3.07 -23.13
C HIS A 136 27.81 1.72 -23.82
N SER A 137 27.64 0.65 -23.06
CA SER A 137 28.01 -0.70 -23.50
C SER A 137 27.35 -1.18 -24.79
N ILE A 138 26.09 -0.82 -25.00
CA ILE A 138 25.33 -1.39 -26.10
C ILE A 138 24.79 -0.36 -27.10
N PRO A 139 24.80 -0.72 -28.37
CA PRO A 139 24.16 0.08 -29.42
C PRO A 139 22.74 0.52 -29.04
N VAL A 140 22.49 1.82 -28.94
CA VAL A 140 21.13 2.27 -28.75
C VAL A 140 20.69 3.16 -29.91
N ILE A 141 19.58 2.76 -30.53
CA ILE A 141 19.21 3.25 -31.85
C ILE A 141 17.98 4.16 -31.78
N ALA A 142 18.00 5.26 -32.52
CA ALA A 142 16.80 6.05 -32.70
C ALA A 142 15.95 5.41 -33.78
N VAL A 143 14.69 5.15 -33.45
CA VAL A 143 13.73 4.67 -34.44
C VAL A 143 12.85 5.85 -34.91
N ASP A 144 12.96 6.20 -36.17
CA ASP A 144 12.09 7.21 -36.78
C ASP A 144 11.62 6.67 -38.13
N ILE A 145 10.80 7.45 -38.84
CA ILE A 145 10.41 7.11 -40.19
C ILE A 145 10.69 8.24 -41.19
N LEU A 156 6.02 -5.29 -52.61
CA LEU A 156 6.25 -6.18 -51.48
C LEU A 156 6.46 -7.62 -51.93
N ASP A 157 7.72 -7.97 -52.17
CA ASP A 157 8.09 -9.32 -52.57
C ASP A 157 8.01 -10.29 -51.40
N ALA A 158 8.00 -11.58 -51.71
CA ALA A 158 7.83 -12.64 -50.71
C ALA A 158 8.97 -12.58 -49.71
N ALA A 159 10.18 -12.30 -50.21
CA ALA A 159 11.34 -12.13 -49.36
C ALA A 159 11.06 -11.13 -48.23
N SER A 160 10.32 -10.07 -48.53
CA SER A 160 9.98 -9.05 -47.54
C SER A 160 8.97 -9.57 -46.52
N LEU A 161 8.16 -10.54 -46.96
CA LEU A 161 7.07 -11.07 -46.14
C LEU A 161 7.48 -12.40 -45.49
N ALA A 162 8.71 -12.84 -45.73
CA ALA A 162 9.20 -13.99 -45.01
C ALA A 162 9.31 -13.54 -43.56
N GLY A 163 9.14 -14.46 -42.62
CA GLY A 163 9.30 -14.12 -41.22
C GLY A 163 10.60 -14.70 -40.75
N ASN A 164 10.59 -15.23 -39.53
CA ASN A 164 11.71 -16.01 -39.04
C ASN A 164 11.20 -17.43 -38.87
N ALA A 165 11.46 -18.28 -39.86
CA ALA A 165 10.87 -19.61 -39.93
C ALA A 165 11.11 -20.47 -38.69
N ASP A 166 12.15 -20.14 -37.93
CA ASP A 166 12.58 -20.94 -36.79
C ASP A 166 11.90 -20.53 -35.48
N GLN A 167 11.24 -19.38 -35.48
CA GLN A 167 10.54 -18.96 -34.28
C GLN A 167 9.21 -19.72 -34.18
N GLY A 168 8.80 -20.04 -32.95
CA GLY A 168 7.54 -20.74 -32.76
C GLY A 168 6.55 -20.11 -31.79
N SER A 169 5.35 -20.68 -31.73
CA SER A 169 4.29 -20.27 -30.80
C SER A 169 4.77 -20.20 -29.34
N GLU A 170 5.71 -21.06 -28.99
CA GLU A 170 6.26 -21.14 -27.64
C GLU A 170 7.41 -20.14 -27.41
N ASP A 171 7.98 -19.61 -28.50
CA ASP A 171 9.16 -18.75 -28.34
C ASP A 171 8.84 -17.34 -27.81
N PRO A 172 9.72 -16.83 -26.90
CA PRO A 172 9.55 -15.53 -26.27
C PRO A 172 9.51 -14.41 -27.28
N LEU A 173 8.50 -13.55 -27.14
CA LEU A 173 8.38 -12.35 -27.97
C LEU A 173 8.67 -11.09 -27.15
N ALA A 174 8.10 -11.01 -25.95
CA ALA A 174 8.20 -9.79 -25.16
C ALA A 174 8.36 -10.02 -23.65
N MSE A 175 8.81 -8.97 -22.97
CA MSE A 175 8.87 -8.94 -21.53
C MSE A 175 8.16 -7.71 -21.03
O MSE A 175 8.40 -6.59 -21.55
CB MSE A 175 10.32 -8.90 -21.08
CG MSE A 175 10.86 -10.31 -20.91
SE MSE A 175 12.64 -10.22 -20.07
CE MSE A 175 12.06 -9.60 -18.31
N ILE A 176 7.30 -7.88 -20.03
CA ILE A 176 6.60 -6.76 -19.37
C ILE A 176 6.94 -6.72 -17.89
N PHE A 177 7.32 -5.55 -17.39
CA PHE A 177 7.64 -5.38 -15.97
C PHE A 177 6.38 -5.22 -15.12
N THR A 178 6.32 -5.96 -14.02
CA THR A 178 5.22 -5.86 -13.08
C THR A 178 5.78 -5.72 -11.68
N SER A 179 5.02 -5.10 -10.79
CA SER A 179 5.50 -4.87 -9.43
C SER A 179 4.52 -5.32 -8.36
N GLY A 180 4.38 -6.63 -8.19
CA GLY A 180 3.64 -7.19 -7.08
C GLY A 180 4.35 -6.79 -5.80
N THR A 181 5.67 -6.87 -5.83
CA THR A 181 6.51 -6.39 -4.74
C THR A 181 6.41 -4.87 -4.71
N THR A 182 6.50 -4.29 -3.52
CA THR A 182 6.33 -2.85 -3.39
C THR A 182 7.40 -2.09 -4.17
N GLY A 183 8.66 -2.53 -4.04
CA GLY A 183 9.77 -1.92 -4.76
C GLY A 183 10.27 -2.64 -6.02
N GLU A 184 10.37 -3.96 -5.94
CA GLU A 184 10.89 -4.76 -7.05
C GLU A 184 9.94 -4.93 -8.23
N PRO A 185 10.47 -4.89 -9.45
CA PRO A 185 9.66 -5.15 -10.63
C PRO A 185 10.08 -6.48 -11.26
N LYS A 186 9.14 -7.39 -11.49
CA LYS A 186 9.51 -8.67 -12.06
C LYS A 186 9.37 -8.58 -13.58
N ALA A 187 10.28 -9.19 -14.31
CA ALA A 187 10.16 -9.21 -15.77
C ALA A 187 9.31 -10.37 -16.25
N VAL A 188 8.09 -10.07 -16.70
CA VAL A 188 7.13 -11.05 -17.14
C VAL A 188 7.41 -11.53 -18.59
N LEU A 189 7.83 -12.80 -18.74
CA LEU A 189 8.26 -13.36 -20.04
C LEU A 189 7.09 -13.92 -20.87
N LEU A 190 6.90 -13.37 -22.06
CA LEU A 190 5.69 -13.68 -22.83
C LEU A 190 5.97 -14.28 -24.21
N ALA A 191 5.46 -15.50 -24.40
CA ALA A 191 5.53 -16.24 -25.66
C ALA A 191 4.64 -15.62 -26.76
N ASN A 192 4.91 -15.98 -28.02
CA ASN A 192 4.05 -15.59 -29.14
C ASN A 192 2.57 -15.92 -28.92
N ARG A 193 2.32 -17.10 -28.35
CA ARG A 193 0.95 -17.61 -28.14
C ARG A 193 0.14 -16.75 -27.20
N THR A 194 0.80 -16.04 -26.30
CA THR A 194 0.11 -15.11 -25.42
C THR A 194 -0.83 -14.22 -26.22
N PHE A 195 -0.33 -13.65 -27.29
CA PHE A 195 -1.12 -12.73 -28.11
C PHE A 195 -2.30 -13.33 -28.87
N PHE A 196 -2.13 -14.52 -29.45
CA PHE A 196 -3.19 -15.14 -30.25
C PHE A 196 -3.97 -16.33 -29.65
N ALA A 197 -3.66 -16.74 -28.43
CA ALA A 197 -4.31 -17.93 -27.86
C ALA A 197 -5.82 -17.75 -27.58
N VAL A 198 -6.19 -16.60 -27.02
CA VAL A 198 -7.58 -16.27 -26.77
C VAL A 198 -8.35 -15.86 -28.04
N PRO A 199 -7.79 -14.95 -28.86
CA PRO A 199 -8.48 -14.68 -30.13
C PRO A 199 -8.76 -15.94 -30.98
N ASP A 200 -7.88 -16.93 -30.95
CA ASP A 200 -8.12 -18.18 -31.66
C ASP A 200 -9.28 -18.94 -31.05
N ILE A 201 -9.34 -18.92 -29.72
CA ILE A 201 -10.40 -19.61 -29.01
C ILE A 201 -11.76 -19.02 -29.40
N LEU A 202 -11.86 -17.69 -29.36
CA LEU A 202 -13.07 -16.98 -29.73
C LEU A 202 -13.57 -17.33 -31.13
N GLN A 203 -12.69 -17.17 -32.12
CA GLN A 203 -13.02 -17.43 -33.51
C GLN A 203 -13.47 -18.88 -33.70
N LYS A 204 -12.76 -19.80 -33.08
CA LYS A 204 -13.03 -21.24 -33.22
C LYS A 204 -14.34 -21.68 -32.54
N GLU A 205 -14.62 -21.15 -31.35
CA GLU A 205 -15.90 -21.45 -30.70
C GLU A 205 -17.00 -20.48 -31.16
N GLY A 206 -16.62 -19.56 -32.05
CA GLY A 206 -17.59 -18.65 -32.65
C GLY A 206 -18.25 -17.69 -31.68
N LEU A 207 -17.52 -17.25 -30.66
CA LEU A 207 -18.10 -16.34 -29.67
C LEU A 207 -17.84 -14.89 -30.10
N ASN A 208 -18.84 -14.02 -29.95
CA ASN A 208 -18.66 -12.61 -30.28
C ASN A 208 -18.32 -11.73 -29.06
N TRP A 209 -17.83 -12.34 -27.98
CA TRP A 209 -17.53 -11.59 -26.75
C TRP A 209 -16.54 -10.49 -27.06
N VAL A 210 -15.49 -10.83 -27.78
CA VAL A 210 -14.58 -9.83 -28.31
C VAL A 210 -14.38 -10.12 -29.78
N THR A 211 -14.58 -9.10 -30.61
CA THR A 211 -14.51 -9.29 -32.05
C THR A 211 -13.55 -8.29 -32.71
N TRP A 212 -12.87 -8.73 -33.76
CA TRP A 212 -12.03 -7.84 -34.57
C TRP A 212 -12.55 -7.77 -36.01
N VAL A 213 -12.86 -6.56 -36.46
CA VAL A 213 -13.34 -6.39 -37.82
C VAL A 213 -12.16 -5.93 -38.70
N VAL A 214 -11.93 -6.61 -39.83
CA VAL A 214 -10.90 -6.20 -40.80
C VAL A 214 -10.92 -4.69 -41.09
N GLY A 215 -9.82 -4.01 -40.88
CA GLY A 215 -9.79 -2.60 -41.24
C GLY A 215 -10.37 -1.58 -40.26
N GLU A 216 -11.17 -2.02 -39.30
CA GLU A 216 -11.79 -1.05 -38.37
C GLU A 216 -10.73 -0.29 -37.58
N THR A 217 -11.00 0.98 -37.30
CA THR A 217 -10.06 1.83 -36.54
C THR A 217 -10.12 1.56 -35.06
N THR A 218 -8.96 1.36 -34.45
CA THR A 218 -8.93 1.18 -33.01
C THR A 218 -7.96 2.15 -32.33
N TYR A 219 -8.16 2.32 -31.02
CA TYR A 219 -7.34 3.23 -30.25
C TYR A 219 -6.96 2.63 -28.89
N SER A 220 -5.67 2.61 -28.57
CA SER A 220 -5.28 2.26 -27.20
C SER A 220 -4.73 3.48 -26.43
N PRO A 221 -5.46 3.92 -25.41
CA PRO A 221 -4.89 4.94 -24.52
C PRO A 221 -4.05 4.27 -23.44
N LEU A 222 -3.81 2.97 -23.57
CA LEU A 222 -2.98 2.19 -22.63
C LEU A 222 -1.58 2.04 -23.19
N PRO A 223 -0.56 2.26 -22.35
CA PRO A 223 0.82 2.16 -22.85
C PRO A 223 1.20 0.79 -23.38
N ALA A 224 2.06 0.79 -24.38
CA ALA A 224 2.63 -0.43 -24.95
C ALA A 224 3.42 -1.21 -23.87
N THR A 225 3.80 -0.55 -22.79
CA THR A 225 4.53 -1.19 -21.71
C THR A 225 3.60 -1.82 -20.66
N HIS A 226 2.30 -1.67 -20.85
CA HIS A 226 1.31 -2.33 -20.01
C HIS A 226 0.70 -3.48 -20.82
N ILE A 227 0.51 -4.65 -20.19
CA ILE A 227 0.03 -5.81 -20.96
C ILE A 227 -1.25 -5.50 -21.77
N GLY A 228 -2.18 -4.76 -21.18
CA GLY A 228 -3.42 -4.46 -21.86
C GLY A 228 -3.17 -3.68 -23.15
N GLY A 229 -2.21 -2.75 -23.10
CA GLY A 229 -1.92 -1.91 -24.25
C GLY A 229 -1.26 -2.73 -25.33
N LEU A 230 -0.18 -3.42 -24.96
CA LEU A 230 0.55 -4.25 -25.92
C LEU A 230 -0.36 -5.30 -26.60
N TRP A 231 -1.13 -6.01 -25.77
CA TRP A 231 -1.97 -7.11 -26.23
C TRP A 231 -2.99 -6.62 -27.24
N TRP A 232 -3.71 -5.57 -26.90
CA TRP A 232 -4.74 -5.06 -27.80
C TRP A 232 -4.20 -4.59 -29.13
N ILE A 233 -3.12 -3.81 -29.13
CA ILE A 233 -2.60 -3.32 -30.40
C ILE A 233 -2.02 -4.47 -31.22
N LEU A 234 -1.38 -5.43 -30.55
CA LEU A 234 -0.92 -6.61 -31.28
C LEU A 234 -2.04 -7.43 -31.92
N THR A 235 -3.09 -7.76 -31.16
CA THR A 235 -4.19 -8.54 -31.76
C THR A 235 -4.87 -7.73 -32.87
N CYS A 236 -4.92 -6.41 -32.72
CA CYS A 236 -5.48 -5.62 -33.81
C CYS A 236 -4.64 -5.65 -35.06
N LEU A 237 -3.31 -5.58 -34.93
CA LEU A 237 -2.41 -5.68 -36.08
C LEU A 237 -2.61 -7.02 -36.82
N MSE A 238 -2.74 -8.10 -36.06
CA MSE A 238 -2.88 -9.41 -36.64
C MSE A 238 -4.13 -9.41 -37.46
O MSE A 238 -4.21 -10.09 -38.50
CB MSE A 238 -2.87 -10.47 -35.55
CG MSE A 238 -1.42 -10.88 -35.29
SE MSE A 238 -1.28 -12.02 -33.69
CE MSE A 238 -1.30 -10.59 -32.34
N HIS A 239 -5.14 -8.69 -36.98
CA HIS A 239 -6.49 -8.69 -37.57
C HIS A 239 -6.71 -7.61 -38.62
N GLY A 240 -5.65 -6.92 -39.02
CA GLY A 240 -5.77 -5.96 -40.10
C GLY A 240 -6.47 -4.65 -39.72
N GLY A 241 -6.48 -4.34 -38.44
CA GLY A 241 -7.06 -3.08 -37.99
C GLY A 241 -6.18 -1.87 -38.30
N LEU A 242 -6.77 -0.67 -38.13
CA LEU A 242 -6.00 0.55 -38.22
C LEU A 242 -5.81 1.04 -36.80
N CYS A 243 -4.60 0.86 -36.28
CA CYS A 243 -4.32 1.11 -34.86
C CYS A 243 -3.78 2.49 -34.62
N VAL A 244 -4.57 3.29 -33.91
CA VAL A 244 -4.17 4.62 -33.50
C VAL A 244 -3.66 4.63 -32.05
N THR A 245 -2.43 5.12 -31.86
CA THR A 245 -1.81 5.09 -30.54
C THR A 245 -0.58 6.02 -30.55
N GLY A 246 -0.37 6.78 -29.47
CA GLY A 246 0.89 7.49 -29.32
C GLY A 246 0.99 9.01 -29.11
N GLY A 247 0.52 9.78 -30.08
CA GLY A 247 0.74 11.22 -30.03
C GLY A 247 -0.46 11.98 -29.54
N GLU A 248 -0.96 11.65 -28.36
CA GLU A 248 -2.10 12.36 -27.81
C GLU A 248 -1.74 13.82 -27.49
N ASN A 249 -2.56 14.75 -27.99
CA ASN A 249 -2.39 16.17 -27.70
C ASN A 249 -3.57 16.75 -26.90
N THR A 250 -4.34 15.87 -26.26
CA THR A 250 -5.44 16.26 -25.40
C THR A 250 -5.71 15.18 -24.36
N THR A 251 -6.51 15.50 -23.35
CA THR A 251 -6.89 14.54 -22.32
C THR A 251 -8.30 14.05 -22.57
N SER A 252 -8.99 14.69 -23.52
CA SER A 252 -10.37 14.34 -23.83
C SER A 252 -10.42 13.11 -24.73
N LEU A 253 -10.95 12.03 -24.17
CA LEU A 253 -11.16 10.78 -24.91
C LEU A 253 -12.15 10.98 -26.02
N LEU A 254 -13.23 11.70 -25.72
CA LEU A 254 -14.32 11.97 -26.66
C LEU A 254 -13.83 12.75 -27.86
N GLU A 255 -12.90 13.66 -27.64
CA GLU A 255 -12.29 14.35 -28.76
C GLU A 255 -11.44 13.36 -29.52
N ILE A 256 -10.65 12.55 -28.80
CA ILE A 256 -9.79 11.60 -29.48
C ILE A 256 -10.62 10.60 -30.27
N LEU A 257 -11.63 10.03 -29.64
CA LEU A 257 -12.45 9.04 -30.29
C LEU A 257 -13.18 9.60 -31.49
N THR A 258 -13.76 10.77 -31.34
CA THR A 258 -14.63 11.33 -32.39
C THR A 258 -13.84 11.71 -33.63
N THR A 259 -12.80 12.52 -33.42
CA THR A 259 -11.87 13.02 -34.44
C THR A 259 -11.24 11.93 -35.32
N ASN A 260 -11.07 10.76 -34.73
CA ASN A 260 -10.41 9.65 -35.44
C ASN A 260 -11.39 8.59 -35.89
N ALA A 261 -12.68 8.83 -35.64
CA ALA A 261 -13.74 7.87 -35.94
C ALA A 261 -13.40 6.45 -35.43
N VAL A 262 -12.85 6.40 -34.22
CA VAL A 262 -12.51 5.16 -33.57
C VAL A 262 -13.71 4.20 -33.48
N ALA A 263 -13.51 2.94 -33.89
CA ALA A 263 -14.56 1.93 -33.74
C ALA A 263 -14.44 1.04 -32.47
N THR A 264 -13.21 0.72 -32.05
CA THR A 264 -12.99 -0.11 -30.87
C THR A 264 -11.83 0.47 -30.04
N THR A 265 -11.93 0.41 -28.71
CA THR A 265 -10.84 0.89 -27.87
C THR A 265 -10.74 0.06 -26.61
N CYS A 266 -9.56 0.05 -26.00
CA CYS A 266 -9.35 -0.69 -24.76
C CYS A 266 -9.19 0.30 -23.59
N LEU A 267 -10.00 0.11 -22.54
CA LEU A 267 -10.02 1.04 -21.43
C LEU A 267 -9.64 0.38 -20.09
N VAL A 268 -9.29 1.20 -19.10
CA VAL A 268 -9.38 0.81 -17.69
C VAL A 268 -10.56 1.60 -17.12
N PRO A 269 -11.23 1.08 -16.06
CA PRO A 269 -12.44 1.74 -15.52
C PRO A 269 -12.37 3.27 -15.37
N THR A 270 -11.29 3.78 -14.79
CA THR A 270 -11.18 5.22 -14.56
C THR A 270 -11.18 6.02 -15.87
N LEU A 271 -10.67 5.39 -16.93
CA LEU A 271 -10.80 5.96 -18.28
C LEU A 271 -12.23 5.83 -18.80
N LEU A 272 -12.90 4.73 -18.48
CA LEU A 272 -14.27 4.58 -18.97
C LEU A 272 -15.16 5.62 -18.30
N SER A 273 -14.97 5.79 -16.99
CA SER A 273 -15.67 6.81 -16.21
C SER A 273 -15.43 8.23 -16.72
N LYS A 274 -14.19 8.57 -17.05
CA LYS A 274 -13.90 9.90 -17.57
C LYS A 274 -14.60 10.11 -18.92
N LEU A 275 -14.66 9.05 -19.74
CA LEU A 275 -15.39 9.11 -21.00
C LEU A 275 -16.88 9.38 -20.78
N VAL A 276 -17.50 8.61 -19.88
CA VAL A 276 -18.92 8.77 -19.62
C VAL A 276 -19.24 10.19 -19.14
N SER A 277 -18.39 10.73 -18.26
CA SER A 277 -18.56 12.09 -17.80
C SER A 277 -18.37 13.12 -18.92
N GLU A 278 -17.49 12.84 -19.86
CA GLU A 278 -17.27 13.75 -21.00
C GLU A 278 -18.46 13.75 -21.94
N LEU A 279 -19.12 12.61 -22.07
CA LEU A 279 -20.32 12.46 -22.86
C LEU A 279 -21.58 13.04 -22.17
N LYS A 280 -21.65 12.91 -20.85
CA LYS A 280 -22.73 13.56 -20.09
C LYS A 280 -22.63 15.06 -20.26
N SER A 281 -21.43 15.58 -20.01
CA SER A 281 -21.16 17.02 -20.04
C SER A 281 -21.39 17.67 -21.40
N ALA A 282 -21.51 16.86 -22.45
CA ALA A 282 -21.71 17.40 -23.79
C ALA A 282 -23.00 16.89 -24.46
N ASN A 283 -23.73 16.03 -23.76
CA ASN A 283 -24.89 15.35 -24.35
C ASN A 283 -24.57 14.79 -25.75
N ALA A 284 -23.40 14.16 -25.87
CA ALA A 284 -22.90 13.61 -27.12
C ALA A 284 -22.79 12.09 -27.01
N THR A 285 -22.46 11.46 -28.12
CA THR A 285 -22.12 10.05 -28.13
C THR A 285 -20.92 9.94 -29.05
N VAL A 286 -20.30 8.77 -29.09
CA VAL A 286 -19.29 8.47 -30.10
C VAL A 286 -19.92 7.49 -31.11
N PRO A 287 -20.49 8.01 -32.22
CA PRO A 287 -21.37 7.19 -33.07
C PRO A 287 -20.61 6.16 -33.87
N SER A 288 -19.34 6.44 -34.14
CA SER A 288 -18.49 5.49 -34.87
C SER A 288 -18.19 4.27 -33.98
N LEU A 289 -18.38 4.42 -32.68
CA LEU A 289 -17.87 3.44 -31.71
C LEU A 289 -18.77 2.20 -31.68
N ARG A 290 -18.14 1.03 -31.69
CA ARG A 290 -18.83 -0.24 -31.80
C ARG A 290 -18.64 -1.03 -30.51
N LEU A 291 -17.36 -1.18 -30.11
CA LEU A 291 -16.94 -2.10 -29.06
C LEU A 291 -15.92 -1.47 -28.10
N VAL A 292 -16.14 -1.67 -26.80
CA VAL A 292 -15.23 -1.18 -25.77
C VAL A 292 -14.86 -2.29 -24.77
N GLY A 293 -13.58 -2.63 -24.72
CA GLY A 293 -13.11 -3.55 -23.70
C GLY A 293 -12.62 -2.73 -22.52
N TYR A 294 -12.72 -3.28 -21.33
CA TYR A 294 -12.24 -2.56 -20.17
C TYR A 294 -11.80 -3.57 -19.15
N GLY A 295 -10.84 -3.19 -18.33
CA GLY A 295 -10.42 -4.08 -17.28
C GLY A 295 -9.31 -3.50 -16.44
N GLY A 296 -8.75 -4.33 -15.57
CA GLY A 296 -7.62 -3.97 -14.75
C GLY A 296 -8.04 -3.79 -13.32
N SER A 297 -8.98 -2.87 -13.13
CA SER A 297 -9.48 -2.52 -11.80
C SER A 297 -10.98 -2.84 -11.72
N ARG A 298 -11.61 -2.39 -10.63
CA ARG A 298 -13.02 -2.67 -10.36
C ARG A 298 -13.92 -2.05 -11.39
N ALA A 299 -14.75 -2.87 -12.04
CA ALA A 299 -15.78 -2.35 -12.95
C ALA A 299 -16.89 -1.58 -12.23
N ILE A 300 -17.41 -0.56 -12.92
CA ILE A 300 -18.45 0.31 -12.41
C ILE A 300 -19.66 0.20 -13.36
N ALA A 301 -20.58 -0.70 -13.02
CA ALA A 301 -21.74 -1.02 -13.84
C ALA A 301 -22.39 0.21 -14.47
N ALA A 302 -22.42 1.31 -13.71
CA ALA A 302 -23.03 2.55 -14.13
C ALA A 302 -22.43 3.09 -15.42
N ASP A 303 -21.10 3.10 -15.50
CA ASP A 303 -20.42 3.63 -16.68
C ASP A 303 -20.64 2.68 -17.87
N VAL A 304 -20.51 1.38 -17.60
CA VAL A 304 -20.76 0.34 -18.59
C VAL A 304 -22.16 0.47 -19.14
N ARG A 305 -23.14 0.67 -18.26
CA ARG A 305 -24.52 0.77 -18.70
C ARG A 305 -24.75 2.04 -19.53
N PHE A 306 -24.20 3.16 -19.08
CA PHE A 306 -24.35 4.40 -19.84
C PHE A 306 -23.78 4.19 -21.24
N ILE A 307 -22.66 3.48 -21.32
CA ILE A 307 -22.02 3.19 -22.59
C ILE A 307 -22.85 2.25 -23.49
N GLU A 308 -23.44 1.21 -22.91
CA GLU A 308 -24.22 0.32 -23.74
C GLU A 308 -25.51 0.99 -24.26
N ALA A 309 -26.08 1.90 -23.46
CA ALA A 309 -27.32 2.60 -23.82
C ALA A 309 -27.12 3.40 -25.09
N THR A 310 -25.90 3.93 -25.24
CA THR A 310 -25.52 4.89 -26.27
C THR A 310 -25.20 4.20 -27.63
N GLY A 311 -25.42 2.88 -27.61
CA GLY A 311 -25.31 2.00 -28.77
C GLY A 311 -24.18 0.96 -28.77
N VAL A 312 -23.34 0.97 -27.73
CA VAL A 312 -22.06 0.27 -27.79
C VAL A 312 -21.99 -1.11 -27.09
N ARG A 313 -21.38 -2.09 -27.74
CA ARG A 313 -21.18 -3.40 -27.12
C ARG A 313 -19.93 -3.32 -26.23
N THR A 314 -19.95 -4.01 -25.08
CA THR A 314 -18.81 -4.05 -24.15
C THR A 314 -18.34 -5.45 -23.75
N ALA A 315 -17.15 -5.48 -23.17
CA ALA A 315 -16.54 -6.70 -22.68
C ALA A 315 -15.65 -6.29 -21.53
N GLN A 316 -15.93 -6.81 -20.35
CA GLN A 316 -15.00 -6.65 -19.25
C GLN A 316 -14.00 -7.76 -19.49
N VAL A 317 -12.71 -7.41 -19.48
CA VAL A 317 -11.69 -8.42 -19.71
C VAL A 317 -10.88 -8.54 -18.44
N TYR A 318 -11.01 -9.67 -17.77
CA TYR A 318 -10.28 -9.87 -16.54
C TYR A 318 -9.00 -10.59 -16.92
N GLY A 319 -7.89 -10.16 -16.34
CA GLY A 319 -6.63 -10.83 -16.62
C GLY A 319 -5.43 -10.14 -16.02
N LEU A 320 -4.29 -10.82 -16.08
CA LEU A 320 -3.06 -10.34 -15.48
C LEU A 320 -1.95 -10.44 -16.51
N SER A 321 -0.84 -9.75 -16.26
CA SER A 321 0.33 -9.87 -17.13
C SER A 321 0.79 -11.32 -17.17
N GLU A 322 0.74 -11.96 -16.01
CA GLU A 322 1.18 -13.35 -15.87
C GLU A 322 0.24 -14.32 -16.59
N THR A 323 -0.97 -13.87 -16.94
CA THR A 323 -1.90 -14.75 -17.65
C THR A 323 -1.96 -14.41 -19.13
N GLY A 324 -1.06 -13.53 -19.57
CA GLY A 324 -1.05 -13.08 -20.95
C GLY A 324 -2.31 -12.31 -21.27
N CYS A 325 -2.68 -11.41 -20.36
CA CYS A 325 -3.88 -10.57 -20.47
C CYS A 325 -5.16 -11.37 -20.17
N THR A 326 -6.24 -11.14 -20.90
CA THR A 326 -7.55 -11.68 -20.51
C THR A 326 -7.56 -13.20 -20.29
N ALA A 327 -8.15 -13.61 -19.17
CA ALA A 327 -8.38 -15.03 -18.88
C ALA A 327 -9.87 -15.31 -18.65
N LEU A 328 -10.62 -14.30 -18.21
CA LEU A 328 -12.08 -14.41 -18.15
C LEU A 328 -12.66 -13.18 -18.83
N CYS A 329 -13.95 -13.25 -19.16
CA CYS A 329 -14.62 -12.20 -19.94
C CYS A 329 -16.06 -12.06 -19.44
N LEU A 330 -16.58 -10.84 -19.44
CA LEU A 330 -17.99 -10.63 -19.19
C LEU A 330 -18.52 -9.81 -20.35
N PRO A 331 -19.07 -10.48 -21.36
CA PRO A 331 -19.59 -9.79 -22.56
C PRO A 331 -20.96 -9.15 -22.34
N THR A 332 -21.27 -8.07 -23.07
CA THR A 332 -22.64 -7.53 -23.10
C THR A 332 -23.69 -8.64 -23.38
N ASP A 333 -24.61 -8.84 -22.43
CA ASP A 333 -25.79 -9.70 -22.64
C ASP A 333 -26.83 -9.35 -21.58
N ASP A 334 -28.02 -9.92 -21.73
CA ASP A 334 -29.09 -9.70 -20.76
C ASP A 334 -28.60 -10.00 -19.34
N GLY A 335 -28.78 -9.03 -18.44
CA GLY A 335 -28.41 -9.20 -17.05
C GLY A 335 -26.94 -8.93 -16.73
N SER A 336 -26.15 -8.58 -17.74
CA SER A 336 -24.72 -8.42 -17.53
C SER A 336 -24.43 -7.22 -16.61
N ILE A 337 -25.28 -6.20 -16.70
CA ILE A 337 -25.13 -4.97 -15.91
C ILE A 337 -25.41 -5.23 -14.42
N VAL A 338 -26.47 -5.99 -14.15
CA VAL A 338 -26.79 -6.45 -12.80
C VAL A 338 -25.64 -7.31 -12.25
N LYS A 339 -25.08 -8.16 -13.10
CA LYS A 339 -23.93 -8.95 -12.70
C LYS A 339 -22.69 -8.11 -12.37
N ILE A 340 -22.31 -7.18 -13.26
CA ILE A 340 -21.15 -6.33 -13.01
C ILE A 340 -21.31 -5.57 -11.70
N GLU A 341 -22.48 -4.98 -11.50
CA GLU A 341 -22.80 -4.28 -10.25
C GLU A 341 -22.67 -5.16 -9.01
N ALA A 342 -23.05 -6.43 -9.12
CA ALA A 342 -22.90 -7.37 -7.99
C ALA A 342 -21.46 -7.86 -7.81
N GLY A 343 -20.56 -7.49 -8.74
CA GLY A 343 -19.15 -7.76 -8.55
C GLY A 343 -18.59 -8.85 -9.44
N ALA A 344 -19.33 -9.20 -10.48
CA ALA A 344 -18.86 -10.23 -11.41
C ALA A 344 -17.68 -9.75 -12.25
N VAL A 345 -16.67 -10.62 -12.40
CA VAL A 345 -15.50 -10.32 -13.23
C VAL A 345 -15.62 -10.96 -14.61
N GLY A 346 -16.37 -12.06 -14.69
CA GLY A 346 -16.75 -12.61 -15.97
C GLY A 346 -16.72 -14.12 -15.92
N ARG A 347 -16.88 -14.75 -17.08
CA ARG A 347 -16.82 -16.21 -17.25
C ARG A 347 -15.61 -16.63 -18.08
N PRO A 348 -15.17 -17.88 -17.90
CA PRO A 348 -13.97 -18.38 -18.58
C PRO A 348 -14.17 -18.67 -20.06
N TYR A 349 -13.21 -18.24 -20.88
CA TYR A 349 -13.15 -18.66 -22.26
C TYR A 349 -12.96 -20.19 -22.28
N PRO A 350 -13.53 -20.87 -23.31
CA PRO A 350 -13.26 -22.29 -23.55
C PRO A 350 -11.76 -22.57 -23.59
N GLY A 351 -11.30 -23.70 -23.05
CA GLY A 351 -9.89 -24.01 -23.09
C GLY A 351 -9.08 -23.24 -22.08
N VAL A 352 -9.74 -22.36 -21.32
CA VAL A 352 -9.09 -21.68 -20.21
C VAL A 352 -9.68 -22.24 -18.94
N ASP A 353 -8.89 -23.07 -18.26
CA ASP A 353 -9.35 -23.73 -17.06
C ASP A 353 -9.18 -22.81 -15.86
N VAL A 354 -10.19 -22.85 -14.99
CA VAL A 354 -10.26 -22.03 -13.80
C VAL A 354 -10.33 -22.92 -12.56
N TYR A 355 -9.54 -22.59 -11.55
CA TYR A 355 -9.51 -23.36 -10.32
C TYR A 355 -9.49 -22.39 -9.14
N LEU A 356 -10.46 -22.55 -8.23
CA LEU A 356 -10.47 -21.80 -6.99
C LEU A 356 -9.86 -22.68 -5.88
N ALA A 357 -8.72 -22.25 -5.34
CA ALA A 357 -8.10 -22.98 -4.25
C ALA A 357 -8.55 -22.40 -2.89
N ALA A 358 -9.21 -23.23 -2.07
CA ALA A 358 -9.78 -22.76 -0.81
C ALA A 358 -8.72 -22.37 0.20
N THR A 359 -7.61 -23.09 0.20
CA THR A 359 -6.53 -22.83 1.16
C THR A 359 -5.24 -22.44 0.41
N ASP A 360 -4.57 -21.37 0.88
CA ASP A 360 -3.31 -20.93 0.27
C ASP A 360 -2.23 -21.97 0.46
N GLY A 361 -1.29 -22.07 -0.49
CA GLY A 361 -0.20 -23.02 -0.38
C GLY A 361 -0.52 -24.41 -0.94
N ILE A 362 -1.77 -24.61 -1.34
CA ILE A 362 -2.23 -25.86 -1.93
C ILE A 362 -2.74 -25.64 -3.36
N GLY A 363 -1.85 -25.82 -4.34
CA GLY A 363 -2.19 -25.53 -5.73
C GLY A 363 -3.25 -26.42 -6.37
N PRO A 364 -3.61 -26.15 -7.63
CA PRO A 364 -4.60 -26.95 -8.38
C PRO A 364 -4.14 -28.37 -8.66
N THR A 365 -2.82 -28.59 -8.71
CA THR A 365 -2.30 -29.93 -9.01
C THR A 365 -1.72 -30.63 -7.79
N ALA A 366 -2.06 -30.16 -6.59
CA ALA A 366 -1.64 -30.84 -5.36
C ALA A 366 -2.33 -32.20 -5.25
N PRO A 367 -1.56 -33.27 -5.02
CA PRO A 367 -2.14 -34.61 -4.84
C PRO A 367 -3.12 -34.61 -3.67
N GLY A 368 -4.38 -34.97 -3.96
CA GLY A 368 -5.42 -35.02 -2.94
C GLY A 368 -6.12 -33.70 -2.69
N ALA A 369 -5.77 -32.68 -3.48
CA ALA A 369 -6.38 -31.36 -3.35
C ALA A 369 -7.88 -31.40 -3.66
N GLY A 370 -8.22 -32.12 -4.72
CA GLY A 370 -9.61 -32.25 -5.14
C GLY A 370 -9.95 -31.25 -6.22
N PRO A 371 -11.23 -31.20 -6.64
CA PRO A 371 -11.67 -30.31 -7.72
C PRO A 371 -11.82 -28.86 -7.25
N SER A 372 -11.88 -27.91 -8.18
CA SER A 372 -12.00 -26.49 -7.83
C SER A 372 -13.11 -26.28 -6.81
N ALA A 373 -12.83 -25.48 -5.79
CA ALA A 373 -13.87 -25.09 -4.87
C ALA A 373 -14.72 -24.03 -5.57
N SER A 374 -15.82 -23.64 -4.95
CA SER A 374 -16.62 -22.56 -5.49
C SER A 374 -16.24 -21.25 -4.79
N PHE A 375 -15.24 -21.30 -3.90
CA PHE A 375 -14.72 -20.11 -3.22
C PHE A 375 -13.23 -20.27 -2.90
N GLY A 376 -12.41 -19.35 -3.37
CA GLY A 376 -10.98 -19.40 -3.06
C GLY A 376 -10.13 -18.57 -4.01
N THR A 377 -8.80 -18.71 -3.89
CA THR A 377 -7.85 -18.04 -4.78
C THR A 377 -7.95 -18.59 -6.20
N LEU A 378 -8.13 -17.69 -7.17
CA LEU A 378 -8.22 -18.10 -8.55
C LEU A 378 -6.85 -18.50 -9.13
N TRP A 379 -6.80 -19.71 -9.69
CA TRP A 379 -5.64 -20.17 -10.45
C TRP A 379 -6.11 -20.39 -11.86
N ILE A 380 -5.27 -20.07 -12.83
CA ILE A 380 -5.71 -20.05 -14.21
C ILE A 380 -4.79 -20.88 -15.09
N LYS A 381 -5.35 -21.81 -15.84
CA LYS A 381 -4.53 -22.52 -16.80
C LYS A 381 -4.97 -22.10 -18.18
N SER A 382 -4.23 -21.15 -18.75
CA SER A 382 -4.54 -20.65 -20.09
C SER A 382 -3.33 -20.79 -21.03
N PRO A 383 -3.57 -20.97 -22.33
CA PRO A 383 -2.41 -20.99 -23.23
C PRO A 383 -1.83 -19.61 -23.53
N ALA A 384 -2.39 -18.57 -22.91
CA ALA A 384 -1.80 -17.23 -22.98
C ALA A 384 -0.89 -16.96 -21.76
N ASN A 385 -0.87 -17.91 -20.82
CA ASN A 385 -0.05 -17.80 -19.60
C ASN A 385 1.43 -17.51 -19.87
N MSE A 386 2.05 -16.70 -19.03
CA MSE A 386 3.45 -16.27 -19.20
C MSE A 386 4.41 -17.40 -19.02
O MSE A 386 4.07 -18.42 -18.36
CB MSE A 386 3.75 -15.24 -18.13
CG MSE A 386 3.52 -15.84 -16.74
SE MSE A 386 4.87 -15.16 -15.48
CE MSE A 386 6.19 -14.55 -16.81
N LEU A 387 5.61 -17.30 -19.60
CA LEU A 387 6.57 -18.41 -19.58
C LEU A 387 7.27 -18.48 -18.22
N GLY A 388 7.26 -17.34 -17.52
CA GLY A 388 7.88 -17.22 -16.20
C GLY A 388 8.43 -15.82 -15.99
N TYR A 389 8.92 -15.54 -14.79
CA TYR A 389 9.61 -14.27 -14.54
C TYR A 389 11.06 -14.41 -14.97
N TRP A 390 11.54 -13.46 -15.77
CA TRP A 390 12.93 -13.51 -16.24
C TRP A 390 13.91 -13.54 -15.09
N ASN A 391 14.76 -14.56 -15.09
CA ASN A 391 15.86 -14.67 -14.12
C ASN A 391 15.42 -14.87 -12.67
N ASN A 392 14.20 -15.38 -12.47
CA ASN A 392 13.66 -15.53 -11.11
C ASN A 392 13.00 -16.90 -10.95
N PRO A 393 13.80 -17.95 -10.81
CA PRO A 393 13.26 -19.32 -10.72
C PRO A 393 12.40 -19.49 -9.47
N GLU A 394 12.80 -18.84 -8.37
CA GLU A 394 12.18 -18.97 -7.04
C GLU A 394 10.76 -18.38 -6.90
N ARG A 395 10.52 -17.21 -7.50
CA ARG A 395 9.20 -16.60 -7.54
C ARG A 395 8.32 -17.21 -8.64
N THR A 396 8.95 -17.69 -9.71
CA THR A 396 8.25 -18.39 -10.79
C THR A 396 7.72 -19.75 -10.37
N ALA A 397 8.53 -20.52 -9.64
CA ALA A 397 8.12 -21.87 -9.24
C ALA A 397 6.83 -21.86 -8.39
N GLU A 398 6.60 -20.77 -7.65
CA GLU A 398 5.39 -20.62 -6.84
C GLU A 398 4.15 -20.11 -7.59
N VAL A 399 4.30 -19.04 -8.39
CA VAL A 399 3.18 -18.50 -9.16
C VAL A 399 2.82 -19.41 -10.34
N LEU A 400 3.83 -20.00 -10.97
CA LEU A 400 3.64 -20.83 -12.14
C LEU A 400 4.00 -22.30 -11.86
N ILE A 401 3.00 -23.18 -12.01
CA ILE A 401 3.13 -24.60 -11.67
C ILE A 401 2.28 -25.50 -12.58
N ASP A 402 2.94 -26.30 -13.42
CA ASP A 402 2.23 -27.23 -14.33
C ASP A 402 1.16 -26.55 -15.22
N GLY A 403 1.43 -25.32 -15.64
CA GLY A 403 0.54 -24.59 -16.54
C GLY A 403 -0.44 -23.62 -15.88
N TRP A 404 -0.55 -23.70 -14.55
CA TRP A 404 -1.48 -22.88 -13.77
C TRP A 404 -0.76 -21.67 -13.19
N VAL A 405 -1.33 -20.48 -13.43
CA VAL A 405 -0.83 -19.24 -12.81
C VAL A 405 -1.70 -18.88 -11.59
N ASN A 406 -1.08 -18.58 -10.46
CA ASN A 406 -1.82 -18.12 -9.27
C ASN A 406 -2.10 -16.66 -9.50
N THR A 407 -3.37 -16.28 -9.59
CA THR A 407 -3.65 -14.87 -9.90
C THR A 407 -3.61 -14.00 -8.64
N GLY A 408 -3.70 -14.62 -7.47
CA GLY A 408 -3.68 -13.92 -6.21
C GLY A 408 -5.05 -13.45 -5.77
N ASP A 409 -6.00 -13.43 -6.70
CA ASP A 409 -7.31 -12.88 -6.37
C ASP A 409 -8.30 -13.89 -5.77
N LEU A 410 -9.08 -13.41 -4.81
CA LEU A 410 -10.10 -14.21 -4.16
C LEU A 410 -11.40 -14.02 -4.91
N LEU A 411 -11.99 -15.11 -5.39
CA LEU A 411 -13.24 -15.07 -6.15
C LEU A 411 -14.18 -16.20 -5.71
N GLU A 412 -15.47 -15.97 -5.89
CA GLU A 412 -16.46 -17.02 -5.71
C GLU A 412 -17.09 -17.34 -7.07
N ARG A 413 -17.45 -18.60 -7.29
CA ARG A 413 -18.23 -18.99 -8.47
C ARG A 413 -19.65 -19.18 -8.01
N ARG A 414 -20.59 -18.45 -8.62
CA ARG A 414 -21.99 -18.70 -8.33
C ARG A 414 -22.57 -19.76 -9.25
N GLU A 415 -23.83 -20.05 -9.05
CA GLU A 415 -24.51 -21.11 -9.77
C GLU A 415 -24.66 -20.71 -11.24
N ASP A 416 -24.61 -19.40 -11.49
CA ASP A 416 -24.69 -18.82 -12.85
C ASP A 416 -23.42 -18.99 -13.69
N GLY A 417 -22.39 -19.61 -13.11
CA GLY A 417 -21.15 -19.86 -13.82
C GLY A 417 -20.20 -18.68 -13.91
N PHE A 418 -20.61 -17.55 -13.34
CA PHE A 418 -19.75 -16.35 -13.32
C PHE A 418 -18.97 -16.25 -12.01
N PHE A 419 -17.82 -15.59 -12.06
CA PHE A 419 -16.97 -15.36 -10.87
C PHE A 419 -17.13 -13.97 -10.30
N TYR A 420 -17.14 -13.89 -8.99
CA TYR A 420 -17.51 -12.64 -8.33
C TYR A 420 -16.38 -12.31 -7.38
N ILE A 421 -16.04 -11.03 -7.29
CA ILE A 421 -14.89 -10.60 -6.50
C ILE A 421 -15.34 -10.25 -5.09
N LYS A 422 -16.62 -10.49 -4.82
CA LYS A 422 -17.22 -10.28 -3.49
C LYS A 422 -18.37 -11.25 -3.21
N GLY A 423 -18.81 -11.29 -1.95
CA GLY A 423 -19.91 -12.18 -1.59
C GLY A 423 -21.21 -11.41 -1.69
N ARG A 424 -22.33 -12.13 -1.62
CA ARG A 424 -23.62 -11.48 -1.46
C ARG A 424 -23.94 -11.25 0.02
N SER A 426 -25.84 -8.55 2.14
CA SER A 426 -27.05 -8.95 2.86
C SER A 426 -28.15 -7.87 2.91
N GLU A 427 -27.98 -6.82 2.10
CA GLU A 427 -28.93 -5.70 2.01
C GLU A 427 -28.94 -4.83 3.28
N MSE A 428 -28.11 -5.21 4.25
CA MSE A 428 -27.84 -4.41 5.43
C MSE A 428 -26.36 -4.35 5.68
O MSE A 428 -25.67 -5.39 5.53
CB MSE A 428 -28.53 -5.05 6.64
CG MSE A 428 -30.00 -5.32 6.32
SE MSE A 428 -31.14 -4.30 7.56
CE MSE A 428 -31.57 -5.76 8.81
N ILE A 429 -25.85 -3.19 6.04
CA ILE A 429 -24.41 -2.99 6.31
C ILE A 429 -24.04 -3.35 7.76
N ILE A 430 -22.85 -3.93 7.96
CA ILE A 430 -22.41 -4.33 9.30
C ILE A 430 -21.19 -3.58 9.81
N CYS A 431 -21.40 -2.67 10.76
CA CYS A 431 -20.33 -1.85 11.33
C CYS A 431 -20.14 -2.05 12.86
N GLY A 432 -19.14 -2.83 13.25
CA GLY A 432 -18.88 -3.12 14.65
C GLY A 432 -19.98 -3.89 15.35
N GLY A 433 -20.43 -4.98 14.73
CA GLY A 433 -21.51 -5.81 15.27
C GLY A 433 -22.90 -5.25 15.00
N VAL A 434 -22.95 -4.07 14.37
CA VAL A 434 -24.18 -3.28 14.26
C VAL A 434 -24.74 -3.25 12.81
N ASN A 435 -25.94 -3.79 12.63
CA ASN A 435 -26.59 -3.83 11.31
C ASN A 435 -27.22 -2.51 10.88
N ILE A 436 -26.69 -1.93 9.81
CA ILE A 436 -27.25 -0.71 9.27
C ILE A 436 -28.09 -1.04 8.03
N ALA A 437 -29.33 -0.52 8.00
CA ALA A 437 -30.19 -0.67 6.82
C ALA A 437 -30.02 0.53 5.90
N PRO A 438 -29.38 0.31 4.74
CA PRO A 438 -29.02 1.37 3.79
C PRO A 438 -30.19 2.29 3.45
N ASP A 439 -31.33 1.68 3.13
CA ASP A 439 -32.52 2.45 2.78
C ASP A 439 -32.93 3.42 3.89
N GLU A 440 -32.87 2.95 5.13
CA GLU A 440 -33.19 3.75 6.31
C GLU A 440 -32.28 5.00 6.47
N VAL A 441 -30.99 4.79 6.26
CA VAL A 441 -30.03 5.88 6.24
C VAL A 441 -30.37 6.88 5.14
N ASP A 442 -30.74 6.38 3.97
CA ASP A 442 -31.09 7.27 2.85
C ASP A 442 -32.31 8.11 3.21
N ARG A 443 -33.31 7.43 3.81
CA ARG A 443 -34.53 8.08 4.27
C ARG A 443 -34.22 9.22 5.22
N ILE A 444 -33.39 8.94 6.21
CA ILE A 444 -32.92 9.95 7.15
C ILE A 444 -32.27 11.13 6.43
N ALA A 445 -31.39 10.84 5.46
CA ALA A 445 -30.67 11.91 4.76
C ALA A 445 -31.58 12.71 3.83
N GLU A 446 -32.70 12.10 3.42
CA GLU A 446 -33.64 12.75 2.50
C GLU A 446 -34.75 13.57 3.19
N GLY A 447 -34.84 13.48 4.51
CA GLY A 447 -35.74 14.34 5.26
C GLY A 447 -35.15 15.74 5.50
N VAL A 448 -33.91 15.94 5.08
CA VAL A 448 -33.19 17.20 5.32
C VAL A 448 -33.42 18.17 4.19
N SER A 449 -33.88 19.37 4.52
CA SER A 449 -34.12 20.39 3.49
C SER A 449 -32.82 20.76 2.79
N GLY A 450 -32.89 20.91 1.47
CA GLY A 450 -31.70 21.05 0.63
C GLY A 450 -31.34 19.75 -0.13
N VAL A 451 -31.75 18.62 0.42
CA VAL A 451 -31.44 17.33 -0.19
C VAL A 451 -32.47 16.98 -1.27
N ARG A 452 -32.01 16.85 -2.52
CA ARG A 452 -32.87 16.39 -3.62
C ARG A 452 -32.97 14.86 -3.69
N GLU A 453 -31.85 14.20 -3.53
CA GLU A 453 -31.85 12.75 -3.30
C GLU A 453 -30.54 12.34 -2.64
N ALA A 454 -30.55 11.23 -1.95
CA ALA A 454 -29.37 10.80 -1.23
C ALA A 454 -29.29 9.30 -1.28
N ALA A 455 -28.10 8.79 -1.04
CA ALA A 455 -27.87 7.36 -1.15
C ALA A 455 -26.64 6.95 -0.38
N CYS A 456 -26.78 5.92 0.43
CA CYS A 456 -25.63 5.49 1.19
C CYS A 456 -24.93 4.30 0.51
N TYR A 457 -23.66 4.12 0.82
CA TYR A 457 -22.86 3.04 0.23
C TYR A 457 -21.91 2.56 1.31
N GLU A 458 -21.32 1.39 1.14
CA GLU A 458 -20.42 0.84 2.15
C GLU A 458 -18.98 1.26 1.88
N ILE A 459 -18.27 1.62 2.93
CA ILE A 459 -16.83 1.86 2.84
C ILE A 459 -16.10 0.74 3.59
N PRO A 460 -15.21 0.01 2.90
CA PRO A 460 -14.44 -1.09 3.52
C PRO A 460 -13.63 -0.62 4.73
N ASP A 461 -13.73 -1.33 5.87
CA ASP A 461 -12.83 -1.09 7.01
C ASP A 461 -12.25 -2.34 7.68
N GLU A 462 -10.92 -2.35 7.80
CA GLU A 462 -10.17 -3.49 8.34
C GLU A 462 -10.69 -3.96 9.70
N GLU A 463 -10.86 -3.01 10.62
CA GLU A 463 -11.23 -3.29 12.01
C GLU A 463 -12.72 -3.21 12.30
N PHE A 464 -13.41 -2.29 11.64
CA PHE A 464 -14.83 -2.15 11.91
C PHE A 464 -15.68 -2.91 10.89
N GLY A 465 -15.03 -3.52 9.90
CA GLY A 465 -15.74 -4.26 8.86
C GLY A 465 -16.20 -3.33 7.75
N ALA A 466 -17.23 -2.54 8.04
CA ALA A 466 -17.75 -1.59 7.06
C ALA A 466 -18.10 -0.28 7.74
N LEU A 467 -18.06 0.80 6.98
CA LEU A 467 -18.58 2.08 7.46
C LEU A 467 -19.62 2.58 6.46
N VAL A 468 -20.45 3.52 6.92
CA VAL A 468 -21.44 4.14 6.07
C VAL A 468 -20.86 5.37 5.37
N GLY A 469 -20.94 5.36 4.05
CA GLY A 469 -20.72 6.58 3.30
C GLY A 469 -22.04 7.08 2.78
N LEU A 470 -22.15 8.38 2.56
CA LEU A 470 -23.39 8.99 2.10
C LEU A 470 -23.14 9.93 0.91
N ALA A 471 -23.75 9.65 -0.23
CA ALA A 471 -23.65 10.61 -1.34
C ALA A 471 -24.92 11.46 -1.43
N VAL A 472 -24.74 12.75 -1.70
CA VAL A 472 -25.85 13.69 -1.62
C VAL A 472 -25.95 14.57 -2.87
N VAL A 473 -27.14 14.60 -3.47
CA VAL A 473 -27.42 15.57 -4.53
C VAL A 473 -28.24 16.73 -3.94
N ALA A 474 -27.74 17.96 -4.06
CA ALA A 474 -28.49 19.11 -3.55
C ALA A 474 -29.54 19.60 -4.56
N SER A 475 -30.62 20.19 -4.05
CA SER A 475 -31.57 20.90 -4.92
C SER A 475 -30.90 22.22 -5.33
N ALA A 476 -31.43 22.91 -6.33
CA ALA A 476 -30.82 24.19 -6.76
C ALA A 476 -31.10 25.36 -5.81
N GLU A 477 -30.04 25.89 -5.20
CA GLU A 477 -30.13 27.08 -4.35
C GLU A 477 -28.95 28.01 -4.62
N ALA A 482 -21.06 26.53 0.08
CA ALA A 482 -22.37 26.69 -0.57
C ALA A 482 -23.37 25.64 -0.09
N ALA A 483 -23.08 24.38 -0.41
CA ALA A 483 -23.83 23.25 0.11
C ALA A 483 -22.86 22.41 0.93
N ARG A 484 -21.63 22.90 1.04
CA ARG A 484 -20.67 22.38 2.01
C ARG A 484 -21.33 22.46 3.38
N ALA A 485 -22.07 23.55 3.59
CA ALA A 485 -22.87 23.73 4.79
C ALA A 485 -23.93 22.63 4.94
N LEU A 486 -24.44 22.11 3.83
CA LEU A 486 -25.45 21.05 3.92
C LEU A 486 -24.84 19.83 4.57
N LYS A 487 -23.60 19.51 4.20
CA LYS A 487 -22.90 18.38 4.76
C LYS A 487 -22.96 18.47 6.27
N HIS A 488 -22.67 19.67 6.79
CA HIS A 488 -22.74 19.96 8.22
C HIS A 488 -24.14 19.79 8.77
N THR A 489 -25.13 20.27 8.02
CA THR A 489 -26.53 20.10 8.37
C THR A 489 -26.88 18.61 8.46
N ILE A 490 -26.54 17.86 7.41
CA ILE A 490 -26.83 16.42 7.37
C ILE A 490 -26.09 15.70 8.50
N ALA A 491 -24.80 16.01 8.66
CA ALA A 491 -24.01 15.42 9.74
C ALA A 491 -24.70 15.58 11.11
N ALA A 492 -25.27 16.77 11.33
CA ALA A 492 -25.92 17.08 12.61
C ALA A 492 -27.26 16.36 12.76
N ARG A 493 -27.94 16.10 11.65
CA ARG A 493 -29.17 15.33 11.69
C ARG A 493 -28.88 13.89 12.13
N PHE A 494 -27.88 13.28 11.52
CA PHE A 494 -27.47 11.93 11.87
C PHE A 494 -26.98 11.90 13.32
N ARG A 495 -26.39 13.02 13.74
CA ARG A 495 -25.87 13.15 15.09
C ARG A 495 -27.00 12.97 16.12
N ARG A 496 -28.18 13.49 15.78
CA ARG A 496 -29.34 13.30 16.64
C ARG A 496 -30.00 11.96 16.31
N GLU A 497 -29.27 10.89 16.58
CA GLU A 497 -29.80 9.54 16.53
C GLU A 497 -29.01 8.72 17.54
N SER A 498 -29.60 7.68 18.10
CA SER A 498 -28.90 6.95 19.16
C SER A 498 -28.08 5.72 18.70
N GLU A 499 -27.79 5.63 17.41
CA GLU A 499 -26.84 4.62 16.93
C GLU A 499 -25.61 5.24 16.24
N PRO A 500 -24.46 5.18 16.91
CA PRO A 500 -23.23 5.83 16.44
C PRO A 500 -22.75 5.30 15.09
N MSE A 501 -22.85 3.99 14.89
CA MSE A 501 -22.48 3.38 13.63
C MSE A 501 -23.37 3.88 12.53
O MSE A 501 -22.92 4.08 11.38
CB MSE A 501 -22.60 1.86 13.72
CG MSE A 501 -22.37 1.32 15.13
SE MSE A 501 -20.52 1.69 15.71
CE MSE A 501 -19.60 0.40 14.54
N ALA A 502 -24.65 4.07 12.86
CA ALA A 502 -25.69 4.38 11.89
C ALA A 502 -25.49 5.75 11.27
N ARG A 503 -24.37 6.37 11.61
CA ARG A 503 -24.03 7.71 11.13
C ARG A 503 -23.01 7.64 10.00
N PRO A 504 -23.18 8.50 8.97
CA PRO A 504 -22.27 8.42 7.82
C PRO A 504 -20.86 8.81 8.27
N SER A 505 -19.86 8.06 7.82
CA SER A 505 -18.47 8.38 8.12
C SER A 505 -17.96 9.41 7.12
N THR A 506 -18.59 9.42 5.94
CA THR A 506 -18.25 10.37 4.91
C THR A 506 -19.51 10.82 4.21
N ILE A 507 -19.55 12.08 3.84
CA ILE A 507 -20.70 12.64 3.17
C ILE A 507 -20.21 13.42 1.97
N VAL A 508 -20.51 12.92 0.77
CA VAL A 508 -20.08 13.56 -0.48
C VAL A 508 -21.25 14.19 -1.20
N ILE A 509 -21.03 15.42 -1.65
CA ILE A 509 -22.00 16.16 -2.41
C ILE A 509 -21.73 15.80 -3.83
N VAL A 510 -22.75 15.32 -4.53
CA VAL A 510 -22.58 14.83 -5.89
C VAL A 510 -23.56 15.50 -6.86
N THR A 511 -23.31 15.31 -8.15
CA THR A 511 -24.23 15.80 -9.19
C THR A 511 -25.29 14.74 -9.49
N ASP A 512 -24.92 13.47 -9.43
CA ASP A 512 -25.86 12.38 -9.70
C ASP A 512 -25.58 11.12 -8.86
N ILE A 513 -26.63 10.33 -8.65
CA ILE A 513 -26.49 9.05 -8.00
C ILE A 513 -26.88 7.98 -9.02
N PRO A 514 -25.95 7.05 -9.32
CA PRO A 514 -26.28 5.98 -10.28
C PRO A 514 -27.49 5.15 -9.81
N ARG A 515 -28.46 4.97 -10.70
CA ARG A 515 -29.65 4.17 -10.40
C ARG A 515 -29.97 3.21 -11.55
N THR A 516 -30.51 2.03 -11.24
CA THR A 516 -31.10 1.17 -12.27
C THR A 516 -32.20 1.97 -12.97
N GLN A 517 -32.60 1.58 -14.17
CA GLN A 517 -33.75 2.23 -14.80
C GLN A 517 -34.99 2.10 -13.90
N SER A 518 -35.06 1.03 -13.11
CA SER A 518 -36.18 0.79 -12.21
C SER A 518 -36.13 1.76 -11.05
N GLY A 519 -35.03 2.49 -10.94
CA GLY A 519 -34.91 3.55 -9.95
C GLY A 519 -34.09 3.22 -8.71
N LYS A 520 -33.48 2.05 -8.66
CA LYS A 520 -32.77 1.63 -7.45
C LYS A 520 -31.32 2.06 -7.46
N VAL A 521 -30.82 2.54 -6.33
CA VAL A 521 -29.43 3.00 -6.29
C VAL A 521 -28.50 1.83 -6.55
N MSE A 522 -27.52 2.03 -7.42
CA MSE A 522 -26.51 1.02 -7.63
C MSE A 522 -25.45 1.40 -6.64
O MSE A 522 -24.62 2.29 -6.92
CB MSE A 522 -26.04 1.08 -9.09
CG MSE A 522 -27.07 0.44 -10.01
SE MSE A 522 -26.87 0.99 -11.91
CE MSE A 522 -25.04 0.31 -12.19
N ARG A 523 -25.46 0.74 -5.48
CA ARG A 523 -24.57 1.07 -4.37
C ARG A 523 -23.09 0.81 -4.66
N ALA A 524 -22.79 -0.29 -5.31
CA ALA A 524 -21.42 -0.57 -5.73
C ALA A 524 -20.90 0.44 -6.78
N SER A 525 -21.70 0.74 -7.80
CA SER A 525 -21.31 1.83 -8.70
C SER A 525 -21.12 3.15 -7.93
N LEU A 526 -21.94 3.39 -6.92
CA LEU A 526 -21.88 4.66 -6.18
C LEU A 526 -20.61 4.82 -5.33
N ALA A 527 -20.25 3.75 -4.62
CA ALA A 527 -19.03 3.71 -3.80
C ALA A 527 -17.79 3.97 -4.64
N ALA A 528 -17.73 3.34 -5.81
CA ALA A 528 -16.67 3.59 -6.77
C ALA A 528 -16.56 5.09 -7.15
N ALA A 529 -17.70 5.73 -7.41
CA ALA A 529 -17.70 7.13 -7.83
C ALA A 529 -17.33 8.12 -6.74
N ALA A 530 -17.59 7.74 -5.49
CA ALA A 530 -17.36 8.63 -4.34
C ALA A 530 -15.92 8.61 -3.82
N THR A 531 -15.20 7.51 -4.07
CA THR A 531 -13.83 7.36 -3.59
C THR A 531 -12.78 7.75 -4.64
N ALA A 532 -13.24 8.28 -5.77
CA ALA A 532 -12.35 8.85 -6.79
C ALA A 532 -12.10 10.34 -6.54
N LYS B 5 -6.82 20.06 36.05
CA LYS B 5 -6.09 19.36 35.00
C LYS B 5 -6.08 20.19 33.70
N LYS B 6 -6.80 21.30 33.70
CA LYS B 6 -6.91 22.14 32.52
C LYS B 6 -5.66 23.04 32.20
N PHE B 7 -5.06 23.64 33.23
CA PHE B 7 -4.01 24.66 33.05
C PHE B 7 -2.59 24.15 32.82
N GLN B 8 -1.67 25.09 32.65
CA GLN B 8 -0.24 24.82 32.56
C GLN B 8 0.25 23.94 33.73
N ALA B 9 0.83 22.78 33.38
CA ALA B 9 1.18 21.76 34.36
C ALA B 9 2.30 22.16 35.30
N MSE B 10 3.50 22.34 34.78
CA MSE B 10 4.65 22.71 35.63
C MSE B 10 5.32 24.01 35.18
O MSE B 10 6.46 23.99 34.68
CB MSE B 10 5.68 21.58 35.63
CG MSE B 10 5.15 20.20 36.07
SE MSE B 10 5.06 19.94 38.01
CE MSE B 10 6.95 19.49 38.32
N PRO B 11 4.64 25.16 35.37
CA PRO B 11 5.23 26.34 34.75
C PRO B 11 6.56 26.76 35.40
N GLN B 12 6.90 26.21 36.56
CA GLN B 12 8.18 26.53 37.22
C GLN B 12 9.37 25.95 36.44
N LEU B 13 9.11 24.88 35.70
CA LEU B 13 10.17 24.18 34.95
C LEU B 13 10.51 24.89 33.63
N PRO B 14 11.78 24.80 33.18
CA PRO B 14 12.23 25.44 31.94
C PRO B 14 11.41 25.02 30.71
N SER B 15 11.21 25.94 29.77
CA SER B 15 10.39 25.66 28.61
C SER B 15 11.21 25.19 27.39
N THR B 16 12.48 24.84 27.59
CA THR B 16 13.27 24.16 26.54
C THR B 16 13.91 22.85 27.01
N VAL B 17 13.90 21.86 26.12
CA VAL B 17 14.52 20.56 26.37
C VAL B 17 15.94 20.79 26.85
N LEU B 18 16.68 21.61 26.09
CA LEU B 18 18.08 21.89 26.36
C LEU B 18 18.33 22.36 27.81
N ASP B 19 17.55 23.35 28.26
CA ASP B 19 17.69 23.87 29.62
C ASP B 19 17.50 22.79 30.66
N ARG B 20 16.51 21.91 30.45
CA ARG B 20 16.26 20.81 31.40
C ARG B 20 17.43 19.84 31.48
N VAL B 21 18.07 19.59 30.33
CA VAL B 21 19.24 18.73 30.31
C VAL B 21 20.42 19.39 31.00
N PHE B 22 20.65 20.68 30.72
CA PHE B 22 21.66 21.48 31.40
C PHE B 22 21.43 21.45 32.91
N GLU B 23 20.17 21.62 33.31
CA GLU B 23 19.75 21.43 34.71
C GLU B 23 20.19 20.07 35.25
N GLN B 24 20.15 19.02 34.42
CA GLN B 24 20.60 17.70 34.89
C GLN B 24 22.10 17.68 35.15
N ALA B 25 22.85 18.33 34.25
CA ALA B 25 24.31 18.42 34.32
C ALA B 25 24.75 19.11 35.61
N ARG B 26 24.11 20.22 35.92
CA ARG B 26 24.29 20.92 37.18
C ARG B 26 24.14 20.00 38.40
N GLN B 27 23.11 19.15 38.41
CA GLN B 27 22.87 18.31 39.58
C GLN B 27 23.72 17.04 39.63
N GLN B 28 24.14 16.53 38.47
CA GLN B 28 24.90 15.28 38.43
C GLN B 28 25.95 15.26 37.31
N PRO B 29 26.95 16.16 37.37
CA PRO B 29 27.85 16.32 36.22
C PRO B 29 28.69 15.09 35.91
N GLU B 30 28.91 14.22 36.91
CA GLU B 30 29.76 13.05 36.68
C GLU B 30 28.98 11.81 36.24
N ALA B 31 27.65 11.85 36.33
CA ALA B 31 26.84 10.72 35.87
C ALA B 31 26.91 10.58 34.36
N ILE B 32 26.84 9.34 33.89
CA ILE B 32 26.88 9.05 32.47
C ILE B 32 25.53 9.40 31.83
N ALA B 33 25.60 10.23 30.78
CA ALA B 33 24.40 10.68 30.06
C ALA B 33 24.11 9.82 28.81
N LEU B 34 25.13 9.56 28.01
CA LEU B 34 24.92 8.82 26.76
C LEU B 34 26.04 7.82 26.48
N ARG B 35 25.71 6.73 25.79
CA ARG B 35 26.74 5.80 25.32
C ARG B 35 26.14 4.82 24.32
N ARG B 36 26.99 4.21 23.51
CA ARG B 36 26.61 3.14 22.59
C ARG B 36 26.57 1.86 23.36
N CYS B 37 25.85 0.88 22.81
CA CYS B 37 25.74 -0.43 23.44
C CYS B 37 27.08 -1.06 23.82
N ASP B 38 28.12 -0.77 23.04
CA ASP B 38 29.45 -1.31 23.33
C ASP B 38 30.27 -0.47 24.33
N GLY B 39 29.72 0.66 24.80
CA GLY B 39 30.40 1.45 25.83
C GLY B 39 31.28 2.57 25.31
N THR B 40 31.47 2.59 24.00
CA THR B 40 32.20 3.67 23.35
C THR B 40 31.32 4.91 23.14
N SER B 41 31.89 6.01 22.66
CA SER B 41 31.16 7.26 22.46
C SER B 41 30.49 7.78 23.75
N ALA B 42 31.11 7.50 24.90
CA ALA B 42 30.51 7.82 26.19
C ALA B 42 30.67 9.29 26.59
N LEU B 43 29.57 9.89 27.07
CA LEU B 43 29.55 11.25 27.62
C LEU B 43 28.89 11.32 29.01
N ARG B 44 29.57 11.94 29.96
CA ARG B 44 28.95 12.34 31.24
C ARG B 44 28.12 13.58 31.00
N TYR B 45 27.24 13.93 31.93
CA TYR B 45 26.42 15.11 31.79
C TYR B 45 27.31 16.34 31.60
N ARG B 46 28.33 16.47 32.45
CA ARG B 46 29.36 17.50 32.30
C ARG B 46 29.98 17.56 30.89
N GLU B 47 30.39 16.41 30.37
CA GLU B 47 31.00 16.42 29.04
C GLU B 47 29.97 16.69 27.94
N LEU B 48 28.74 16.22 28.13
CA LEU B 48 27.68 16.50 27.19
C LEU B 48 27.51 18.01 27.04
N VAL B 49 27.43 18.70 28.16
CA VAL B 49 27.37 20.16 28.17
C VAL B 49 28.49 20.79 27.39
N ALA B 50 29.70 20.27 27.59
CA ALA B 50 30.89 20.85 27.00
C ALA B 50 30.89 20.65 25.48
N GLU B 51 30.57 19.44 25.02
CA GLU B 51 30.54 19.17 23.58
C GLU B 51 29.41 19.93 22.86
N VAL B 52 28.25 20.08 23.49
CA VAL B 52 27.17 20.85 22.87
C VAL B 52 27.65 22.28 22.59
N GLY B 53 28.42 22.84 23.53
CA GLY B 53 28.99 24.18 23.40
C GLY B 53 29.92 24.34 22.21
N GLY B 54 30.89 23.44 22.09
CA GLY B 54 31.85 23.51 21.00
C GLY B 54 31.24 23.16 19.65
N LEU B 55 30.31 22.20 19.65
CA LEU B 55 29.58 21.85 18.45
C LEU B 55 28.74 23.04 17.97
N ALA B 56 28.16 23.79 18.91
CA ALA B 56 27.34 24.95 18.56
C ALA B 56 28.20 26.07 17.91
N ALA B 57 29.40 26.28 18.46
CA ALA B 57 30.38 27.17 17.86
C ALA B 57 30.61 26.80 16.38
N ASP B 58 31.01 25.54 16.14
CA ASP B 58 31.18 24.98 14.80
C ASP B 58 30.03 25.35 13.87
N LEU B 59 28.81 25.15 14.37
CA LEU B 59 27.60 25.44 13.59
C LEU B 59 27.48 26.92 13.23
N ARG B 60 27.68 27.80 14.21
CA ARG B 60 27.58 29.24 13.95
C ARG B 60 28.63 29.65 12.94
N ALA B 61 29.81 29.08 13.06
CA ALA B 61 30.89 29.28 12.11
C ALA B 61 30.48 28.98 10.68
N GLN B 62 29.46 28.15 10.49
CA GLN B 62 28.95 27.86 9.15
C GLN B 62 27.70 28.69 8.88
N SER B 63 27.52 29.75 9.66
CA SER B 63 26.42 30.70 9.51
C SER B 63 25.06 30.10 9.91
N VAL B 64 25.06 29.12 10.80
CA VAL B 64 23.80 28.55 11.32
C VAL B 64 23.22 29.52 12.35
N SER B 65 21.91 29.76 12.28
CA SER B 65 21.30 30.75 13.14
C SER B 65 19.97 30.28 13.65
N ARG B 66 19.33 31.10 14.46
CA ARG B 66 17.97 30.81 14.89
C ARG B 66 17.04 30.57 13.68
N GLY B 67 16.38 29.41 13.66
CA GLY B 67 15.46 29.07 12.58
C GLY B 67 16.11 28.32 11.45
N SER B 68 17.44 28.40 11.36
CA SER B 68 18.17 27.63 10.35
C SER B 68 17.91 26.14 10.55
N ARG B 69 17.65 25.43 9.46
CA ARG B 69 17.52 23.99 9.52
C ARG B 69 18.90 23.34 9.52
N VAL B 70 19.03 22.27 10.30
CA VAL B 70 20.27 21.52 10.32
C VAL B 70 19.98 20.07 10.08
N LEU B 71 20.56 19.52 9.03
CA LEU B 71 20.31 18.14 8.68
C LEU B 71 21.16 17.24 9.56
N VAL B 72 20.52 16.36 10.31
CA VAL B 72 21.25 15.48 11.18
C VAL B 72 21.22 14.08 10.64
N ILE B 73 22.30 13.68 10.00
CA ILE B 73 22.44 12.32 9.49
C ILE B 73 22.80 11.36 10.65
N SER B 74 21.76 10.72 11.18
CA SER B 74 21.80 9.93 12.40
C SER B 74 22.39 8.53 12.24
N ASP B 75 23.04 8.05 13.29
CA ASP B 75 23.37 6.64 13.43
C ASP B 75 22.74 6.16 14.75
N ASN B 76 21.81 6.96 15.29
CA ASN B 76 21.13 6.63 16.53
C ASN B 76 22.04 6.59 17.77
N GLY B 77 23.27 7.06 17.64
CA GLY B 77 24.24 6.98 18.72
C GLY B 77 24.37 8.29 19.49
N PRO B 78 25.27 8.30 20.50
CA PRO B 78 25.47 9.51 21.31
C PRO B 78 25.73 10.75 20.44
N GLU B 79 26.49 10.60 19.33
CA GLU B 79 26.75 11.75 18.45
C GLU B 79 25.48 12.39 17.90
N THR B 80 24.44 11.59 17.74
CA THR B 80 23.15 12.09 17.23
C THR B 80 22.37 13.02 18.19
N TYR B 81 22.25 12.62 19.46
CA TYR B 81 21.52 13.44 20.45
C TYR B 81 22.34 14.66 20.84
N LEU B 82 23.66 14.48 20.88
CA LEU B 82 24.57 15.60 20.98
C LEU B 82 24.28 16.62 19.84
N SER B 83 23.96 16.12 18.64
CA SER B 83 23.77 16.99 17.47
C SER B 83 22.49 17.77 17.67
N VAL B 84 21.47 17.07 18.14
CA VAL B 84 20.16 17.67 18.31
C VAL B 84 20.27 18.80 19.30
N LEU B 85 20.97 18.53 20.41
CA LEU B 85 21.16 19.52 21.48
C LEU B 85 21.99 20.73 21.02
N ALA B 86 22.94 20.50 20.11
CA ALA B 86 23.76 21.58 19.56
C ALA B 86 22.93 22.51 18.68
N CYS B 87 22.01 21.92 17.91
CA CYS B 87 21.00 22.73 17.21
C CYS B 87 20.15 23.54 18.18
N ALA B 88 19.68 22.87 19.22
CA ALA B 88 18.83 23.48 20.23
C ALA B 88 19.48 24.70 20.83
N LYS B 89 20.79 24.63 21.03
CA LYS B 89 21.49 25.76 21.66
C LYS B 89 21.46 27.03 20.81
N LEU B 90 21.42 26.88 19.48
CA LEU B 90 21.35 28.04 18.59
C LEU B 90 19.91 28.32 18.20
N GLY B 91 19.01 27.42 18.60
CA GLY B 91 17.61 27.59 18.24
C GLY B 91 17.39 27.15 16.81
N ALA B 92 18.38 26.49 16.23
CA ALA B 92 18.23 25.85 14.93
C ALA B 92 17.35 24.58 15.03
N ILE B 93 16.83 24.15 13.88
CA ILE B 93 15.90 23.02 13.84
C ILE B 93 16.66 21.77 13.38
N ALA B 94 16.61 20.71 14.19
CA ALA B 94 17.28 19.47 13.82
C ALA B 94 16.36 18.67 12.90
N VAL B 95 16.77 18.48 11.65
CA VAL B 95 15.99 17.68 10.72
C VAL B 95 16.58 16.28 10.79
N MSE B 96 15.80 15.35 11.31
CA MSE B 96 16.31 14.00 11.53
C MSE B 96 16.26 13.24 10.24
O MSE B 96 15.21 13.16 9.59
CB MSE B 96 15.49 13.30 12.60
CG MSE B 96 15.38 14.13 13.87
SE MSE B 96 17.15 14.66 14.54
CE MSE B 96 17.87 12.85 14.94
N ALA B 97 17.40 12.66 9.86
CA ALA B 97 17.50 11.89 8.63
C ALA B 97 18.33 10.66 8.88
N ASP B 98 17.79 9.50 8.50
CA ASP B 98 18.50 8.23 8.73
C ASP B 98 19.67 8.11 7.77
N GLY B 99 20.83 7.80 8.33
CA GLY B 99 22.07 7.75 7.57
C GLY B 99 22.34 6.46 6.81
N ASN B 100 21.46 5.47 6.96
CA ASN B 100 21.49 4.31 6.07
C ASN B 100 20.52 4.47 4.91
N LEU B 101 19.70 5.51 4.96
CA LEU B 101 18.80 5.82 3.84
C LEU B 101 19.63 6.02 2.58
N PRO B 102 19.19 5.42 1.47
CA PRO B 102 19.88 5.58 0.18
C PRO B 102 19.98 7.07 -0.21
N ILE B 103 21.01 7.40 -1.01
CA ILE B 103 21.33 8.77 -1.44
C ILE B 103 20.14 9.62 -1.92
N ALA B 104 19.35 9.06 -2.83
CA ALA B 104 18.19 9.76 -3.39
C ALA B 104 17.24 10.24 -2.29
N ALA B 105 17.10 9.44 -1.24
CA ALA B 105 16.21 9.75 -0.14
C ALA B 105 16.73 10.90 0.73
N ILE B 106 18.03 10.90 0.99
CA ILE B 106 18.66 11.98 1.74
C ILE B 106 18.46 13.26 0.95
N GLU B 107 18.63 13.14 -0.37
CA GLU B 107 18.55 14.26 -1.30
C GLU B 107 17.20 14.97 -1.18
N ARG B 108 16.13 14.20 -1.05
CA ARG B 108 14.81 14.81 -0.97
C ARG B 108 14.60 15.53 0.35
N PHE B 109 15.19 15.01 1.43
CA PHE B 109 15.13 15.67 2.74
C PHE B 109 15.78 17.03 2.61
N CYS B 110 16.96 17.04 1.99
CA CYS B 110 17.66 18.28 1.70
C CYS B 110 16.84 19.26 0.85
N GLN B 111 16.23 18.78 -0.23
CA GLN B 111 15.36 19.65 -1.05
C GLN B 111 14.14 20.12 -0.26
N ILE B 112 13.61 19.27 0.60
CA ILE B 112 12.42 19.64 1.37
C ILE B 112 12.72 20.68 2.47
N THR B 113 13.84 20.48 3.17
CA THR B 113 14.19 21.30 4.32
C THR B 113 15.20 22.44 4.13
N ASP B 114 16.00 22.32 3.07
CA ASP B 114 16.97 23.35 2.68
C ASP B 114 17.94 23.78 3.79
N PRO B 115 18.53 22.82 4.50
CA PRO B 115 19.35 23.23 5.67
C PRO B 115 20.62 24.05 5.39
N ALA B 116 21.02 24.85 6.38
CA ALA B 116 22.27 25.63 6.32
C ALA B 116 23.53 24.77 6.52
N ALA B 117 23.39 23.64 7.22
CA ALA B 117 24.50 22.70 7.39
C ALA B 117 24.02 21.26 7.59
N ALA B 118 24.97 20.35 7.70
CA ALA B 118 24.66 18.95 7.91
C ALA B 118 25.62 18.46 8.94
N LEU B 119 25.14 17.66 9.88
CA LEU B 119 26.01 17.09 10.91
C LEU B 119 26.00 15.59 10.71
N VAL B 120 27.17 15.00 10.46
CA VAL B 120 27.22 13.57 10.18
C VAL B 120 27.73 12.75 11.38
N ALA B 121 26.88 11.87 11.88
CA ALA B 121 27.29 10.96 12.95
C ALA B 121 28.16 9.88 12.28
N PRO B 122 29.16 9.36 13.00
CA PRO B 122 30.16 8.45 12.41
C PRO B 122 29.63 7.06 11.98
N GLY B 123 28.59 6.55 12.65
CA GLY B 123 28.01 5.26 12.28
C GLY B 123 27.34 5.17 10.91
N SER B 124 27.46 6.23 10.11
CA SER B 124 27.09 6.19 8.68
C SER B 124 28.11 7.04 7.89
N LYS B 125 29.29 6.45 7.65
CA LYS B 125 30.48 7.20 7.23
C LYS B 125 30.26 8.11 6.03
N MSE B 126 29.50 7.62 5.05
CA MSE B 126 29.16 8.39 3.88
C MSE B 126 27.73 8.81 3.99
O MSE B 126 27.03 8.34 4.91
CB MSE B 126 29.36 7.56 2.63
CG MSE B 126 30.82 7.51 2.23
SE MSE B 126 31.60 9.31 2.35
CE MSE B 126 30.15 10.31 1.48
N GLU B 133 28.78 16.06 -1.04
CA GLU B 133 28.52 14.78 -1.69
C GLU B 133 27.81 13.83 -0.73
N ALA B 134 26.53 13.56 -0.96
CA ALA B 134 25.77 14.15 -2.06
C ALA B 134 25.62 15.67 -1.94
N LEU B 135 25.44 16.15 -0.71
CA LEU B 135 25.18 17.56 -0.46
C LEU B 135 26.46 18.38 -0.40
N HIS B 136 27.04 18.64 -1.56
CA HIS B 136 28.22 19.48 -1.67
C HIS B 136 27.94 20.93 -1.31
N SER B 137 26.78 21.42 -1.73
CA SER B 137 26.41 22.84 -1.59
C SER B 137 26.38 23.35 -0.16
N ILE B 138 26.09 22.47 0.79
CA ILE B 138 25.98 22.87 2.20
C ILE B 138 27.08 22.25 3.07
N PRO B 139 27.54 23.01 4.09
CA PRO B 139 28.67 22.52 4.90
C PRO B 139 28.29 21.33 5.77
N VAL B 140 29.07 20.26 5.69
CA VAL B 140 28.86 19.10 6.54
C VAL B 140 29.92 18.98 7.63
N ILE B 141 29.43 18.78 8.85
CA ILE B 141 30.31 18.69 9.99
C ILE B 141 30.31 17.28 10.49
N ALA B 142 31.49 16.71 10.69
CA ALA B 142 31.58 15.38 11.24
C ALA B 142 31.50 15.52 12.75
N VAL B 143 30.74 14.64 13.38
CA VAL B 143 30.59 14.65 14.82
C VAL B 143 31.24 13.37 15.29
N ASP B 144 32.17 13.47 16.26
CA ASP B 144 32.93 12.30 16.68
C ASP B 144 33.44 12.39 18.12
N ILE B 145 32.95 11.48 18.97
CA ILE B 145 33.30 11.45 20.39
C ILE B 145 34.39 10.42 20.71
N LEU B 156 32.68 21.82 35.49
CA LEU B 156 31.57 22.40 34.73
C LEU B 156 31.64 23.93 34.73
N ASP B 157 31.50 24.52 33.54
CA ASP B 157 31.51 25.97 33.34
C ASP B 157 30.08 26.47 33.53
N ALA B 158 29.78 27.01 34.71
CA ALA B 158 28.39 27.30 35.10
C ALA B 158 27.81 28.45 34.30
N ALA B 159 28.68 29.33 33.82
CA ALA B 159 28.24 30.48 33.06
C ALA B 159 27.79 30.09 31.66
N SER B 160 28.34 28.99 31.14
CA SER B 160 27.99 28.59 29.78
C SER B 160 26.81 27.62 29.78
N LEU B 161 25.99 27.70 30.83
CA LEU B 161 24.72 26.97 30.90
C LEU B 161 23.54 27.91 30.62
N ASP B 166 15.88 33.87 22.96
CA ASP B 166 15.30 33.13 24.07
C ASP B 166 14.29 32.09 23.56
N GLN B 167 14.78 30.86 23.43
CA GLN B 167 13.95 29.74 23.02
C GLN B 167 12.94 29.46 24.12
N GLY B 168 11.74 29.08 23.70
CA GLY B 168 10.68 28.72 24.63
C GLY B 168 9.86 27.55 24.13
N SER B 169 8.83 27.23 24.89
CA SER B 169 8.00 26.06 24.65
C SER B 169 7.58 25.88 23.18
N GLU B 170 7.50 26.98 22.45
CA GLU B 170 6.80 26.95 21.18
C GLU B 170 7.78 26.97 20.03
N ASP B 171 9.02 27.33 20.30
CA ASP B 171 9.98 27.32 19.22
C ASP B 171 10.27 25.91 18.72
N PRO B 172 10.55 25.76 17.42
CA PRO B 172 10.67 24.42 16.83
C PRO B 172 12.02 23.87 17.17
N LEU B 173 12.06 22.58 17.53
CA LEU B 173 13.30 21.95 17.92
C LEU B 173 13.74 20.91 16.89
N ALA B 174 12.78 20.24 16.25
CA ALA B 174 13.10 19.07 15.44
C ALA B 174 12.07 18.86 14.34
N MSE B 175 12.51 18.22 13.26
CA MSE B 175 11.62 17.75 12.22
C MSE B 175 11.75 16.26 12.08
O MSE B 175 12.88 15.75 11.98
CB MSE B 175 11.99 18.41 10.90
CG MSE B 175 11.48 19.83 10.84
SE MSE B 175 11.68 20.47 8.99
CE MSE B 175 12.46 22.22 9.41
N ILE B 176 10.62 15.56 12.05
CA ILE B 176 10.59 14.11 11.85
C ILE B 176 9.85 13.81 10.55
N PHE B 177 10.37 12.93 9.71
CA PHE B 177 9.66 12.61 8.45
C PHE B 177 8.62 11.49 8.62
N THR B 178 7.46 11.67 7.98
CA THR B 178 6.54 10.59 7.68
C THR B 178 7.14 9.99 6.44
N SER B 179 7.71 8.79 6.55
CA SER B 179 8.49 8.23 5.43
C SER B 179 8.09 6.79 5.12
N PRO B 185 6.98 12.29 0.96
CA PRO B 185 7.31 12.22 2.39
C PRO B 185 6.99 13.54 3.08
N LYS B 186 6.51 13.48 4.33
CA LYS B 186 5.97 14.66 4.98
C LYS B 186 6.81 15.08 6.19
N ALA B 187 7.06 16.38 6.31
CA ALA B 187 7.93 16.91 7.36
C ALA B 187 7.20 17.56 8.52
N VAL B 188 7.28 16.86 9.65
CA VAL B 188 6.57 17.20 10.88
C VAL B 188 7.36 18.17 11.75
N LEU B 189 6.86 19.39 11.90
CA LEU B 189 7.54 20.42 12.70
C LEU B 189 7.26 20.31 14.20
N LEU B 190 8.27 19.97 15.00
CA LEU B 190 8.05 19.76 16.44
C LEU B 190 8.64 20.82 17.38
N ALA B 191 7.82 21.39 18.25
CA ALA B 191 8.32 22.35 19.23
C ALA B 191 8.98 21.66 20.45
N ASN B 192 9.75 22.43 21.23
CA ASN B 192 10.27 21.97 22.51
C ASN B 192 9.21 21.35 23.42
N ARG B 193 8.02 21.97 23.48
CA ARG B 193 6.99 21.53 24.42
C ARG B 193 6.54 20.09 24.10
N THR B 194 6.76 19.65 22.86
CA THR B 194 6.46 18.26 22.47
C THR B 194 7.12 17.23 23.40
N PHE B 195 8.27 17.60 23.96
CA PHE B 195 9.06 16.63 24.72
C PHE B 195 8.88 16.64 26.21
N PHE B 196 8.24 17.66 26.77
CA PHE B 196 8.04 17.65 28.21
C PHE B 196 6.56 17.75 28.66
N ALA B 197 5.68 18.09 27.71
CA ALA B 197 4.29 18.41 28.05
C ALA B 197 3.56 17.20 28.66
N VAL B 198 3.71 16.03 28.07
CA VAL B 198 3.13 14.83 28.67
C VAL B 198 3.78 14.46 30.02
N PRO B 199 5.12 14.34 30.08
CA PRO B 199 5.73 14.06 31.38
C PRO B 199 5.46 15.14 32.44
N ASP B 200 5.38 16.41 32.05
CA ASP B 200 5.03 17.43 33.05
C ASP B 200 3.62 17.15 33.61
N ILE B 201 2.69 16.74 32.75
CA ILE B 201 1.38 16.29 33.19
C ILE B 201 1.48 15.10 34.15
N LEU B 202 2.25 14.07 33.80
CA LEU B 202 2.31 12.85 34.62
C LEU B 202 2.84 13.20 36.00
N GLN B 203 3.80 14.13 36.02
CA GLN B 203 4.38 14.62 37.26
C GLN B 203 3.30 15.35 38.05
N LYS B 204 2.75 16.41 37.44
CA LYS B 204 1.65 17.20 37.99
C LYS B 204 0.52 16.39 38.63
N GLU B 205 0.09 15.31 37.96
CA GLU B 205 -1.04 14.53 38.44
C GLU B 205 -0.58 13.40 39.37
N GLY B 206 0.72 13.27 39.56
CA GLY B 206 1.26 12.18 40.36
C GLY B 206 0.96 10.78 39.83
N LEU B 207 0.82 10.67 38.50
CA LEU B 207 0.50 9.37 37.90
C LEU B 207 1.77 8.59 37.56
N ASN B 208 1.72 7.27 37.71
CA ASN B 208 2.90 6.43 37.47
C ASN B 208 2.84 5.61 36.17
N TRP B 209 1.89 5.94 35.28
CA TRP B 209 1.74 5.22 34.01
C TRP B 209 3.08 5.07 33.30
N VAL B 210 3.77 6.20 33.14
CA VAL B 210 5.11 6.26 32.61
C VAL B 210 5.91 7.12 33.60
N THR B 211 7.08 6.63 34.04
CA THR B 211 7.99 7.37 34.93
C THR B 211 9.48 7.22 34.54
N TRP B 212 10.28 8.19 34.96
CA TRP B 212 11.74 8.23 34.76
C TRP B 212 12.44 8.41 36.10
N VAL B 213 13.39 7.52 36.39
CA VAL B 213 14.12 7.57 37.65
C VAL B 213 15.50 8.11 37.32
N VAL B 214 15.96 9.06 38.10
CA VAL B 214 17.28 9.64 37.93
C VAL B 214 18.34 8.53 37.89
N GLY B 215 19.21 8.59 36.88
CA GLY B 215 20.33 7.66 36.77
C GLY B 215 20.02 6.24 36.31
N GLU B 216 18.74 5.89 36.13
CA GLU B 216 18.44 4.55 35.63
C GLU B 216 18.82 4.44 34.15
N THR B 217 19.26 3.24 33.78
CA THR B 217 19.71 2.95 32.43
C THR B 217 18.53 2.69 31.51
N THR B 218 18.51 3.37 30.38
CA THR B 218 17.45 3.12 29.44
C THR B 218 18.06 2.75 28.10
N TYR B 219 17.26 2.09 27.27
CA TYR B 219 17.72 1.74 25.93
C TYR B 219 16.62 1.88 24.87
N SER B 220 17.00 2.39 23.69
CA SER B 220 16.06 2.61 22.60
C SER B 220 16.49 1.90 21.31
N PRO B 221 15.81 0.80 20.97
CA PRO B 221 16.06 0.18 19.67
C PRO B 221 15.45 1.02 18.56
N LEU B 222 14.52 1.89 18.93
CA LEU B 222 13.85 2.79 18.00
C LEU B 222 14.85 3.90 17.64
N PRO B 223 15.00 4.19 16.33
CA PRO B 223 15.96 5.21 15.85
C PRO B 223 15.58 6.63 16.21
N ALA B 224 16.59 7.50 16.25
CA ALA B 224 16.40 8.93 16.48
C ALA B 224 15.52 9.60 15.41
N THR B 225 15.40 8.96 14.25
CA THR B 225 14.62 9.51 13.15
C THR B 225 13.14 9.19 13.25
N HIS B 226 12.78 8.42 14.27
CA HIS B 226 11.41 7.99 14.46
C HIS B 226 10.94 8.68 15.71
N ILE B 227 9.73 9.22 15.68
CA ILE B 227 9.20 9.94 16.85
C ILE B 227 9.40 9.17 18.17
N GLY B 228 9.17 7.86 18.16
CA GLY B 228 9.29 7.08 19.38
C GLY B 228 10.67 7.21 20.02
N GLY B 229 11.70 6.83 19.27
CA GLY B 229 13.07 6.91 19.73
C GLY B 229 13.53 8.29 20.16
N LEU B 230 13.40 9.28 19.28
CA LEU B 230 13.80 10.65 19.59
C LEU B 230 13.17 11.14 20.90
N TRP B 231 11.85 11.00 21.01
CA TRP B 231 11.09 11.44 22.19
C TRP B 231 11.50 10.68 23.45
N TRP B 232 11.62 9.36 23.34
CA TRP B 232 12.07 8.56 24.48
C TRP B 232 13.42 9.01 25.05
N ILE B 233 14.47 8.96 24.24
CA ILE B 233 15.80 9.37 24.73
C ILE B 233 15.80 10.81 25.26
N LEU B 234 15.18 11.73 24.52
CA LEU B 234 15.14 13.11 24.95
C LEU B 234 14.48 13.28 26.31
N THR B 235 13.34 12.60 26.56
CA THR B 235 12.79 12.55 27.92
C THR B 235 13.74 11.99 28.99
N CYS B 236 14.44 10.91 28.67
CA CYS B 236 15.35 10.32 29.65
C CYS B 236 16.53 11.26 30.05
N LEU B 237 17.11 11.96 29.06
CA LEU B 237 18.15 12.96 29.29
C LEU B 237 17.67 14.10 30.16
N MSE B 238 16.43 14.52 29.94
CA MSE B 238 15.83 15.56 30.72
C MSE B 238 15.79 15.06 32.12
O MSE B 238 15.96 15.85 33.06
CB MSE B 238 14.42 15.85 30.21
CG MSE B 238 14.29 17.32 29.83
SE MSE B 238 13.28 17.49 28.16
CE MSE B 238 11.54 16.80 28.79
N HIS B 239 15.54 13.76 32.29
CA HIS B 239 15.29 13.21 33.61
C HIS B 239 16.54 12.60 34.25
N GLY B 240 17.69 12.86 33.64
CA GLY B 240 18.94 12.40 34.20
C GLY B 240 19.20 10.92 33.99
N GLY B 241 18.66 10.37 32.91
CA GLY B 241 18.84 8.96 32.62
C GLY B 241 20.26 8.63 32.14
N LEU B 242 20.64 7.36 32.24
CA LEU B 242 21.81 6.85 31.56
C LEU B 242 21.25 6.25 30.28
N CYS B 243 21.53 6.90 29.16
CA CYS B 243 20.86 6.52 27.94
C CYS B 243 21.82 5.73 27.08
N VAL B 244 21.48 4.47 26.83
CA VAL B 244 22.27 3.62 25.95
C VAL B 244 21.63 3.63 24.54
N THR B 245 22.39 4.05 23.54
CA THR B 245 21.80 4.22 22.21
C THR B 245 22.83 4.00 21.10
N GLY B 246 22.43 3.23 20.09
CA GLY B 246 23.26 2.98 18.93
C GLY B 246 24.44 2.02 19.13
N GLY B 247 25.08 1.67 18.03
CA GLY B 247 26.27 0.84 18.07
C GLY B 247 26.00 -0.57 18.58
N GLU B 248 24.86 -1.13 18.21
CA GLU B 248 24.48 -2.50 18.59
C GLU B 248 25.56 -3.52 18.24
N ASN B 249 26.13 -4.14 19.26
CA ASN B 249 27.13 -5.19 19.09
C ASN B 249 26.49 -6.55 18.80
N THR B 250 25.16 -6.58 18.69
CA THR B 250 24.42 -7.82 18.54
C THR B 250 23.06 -7.59 17.86
N THR B 251 22.41 -8.67 17.44
CA THR B 251 21.04 -8.59 16.97
C THR B 251 20.05 -9.09 18.05
N SER B 252 20.58 -9.54 19.18
CA SER B 252 19.73 -10.04 20.24
C SER B 252 19.27 -8.93 21.19
N LEU B 253 17.97 -8.63 21.19
CA LEU B 253 17.44 -7.58 22.06
C LEU B 253 17.63 -7.94 23.53
N LEU B 254 17.57 -9.22 23.84
CA LEU B 254 17.77 -9.68 25.21
C LEU B 254 19.24 -9.53 25.63
N GLU B 255 20.19 -9.86 24.74
CA GLU B 255 21.58 -9.68 25.14
C GLU B 255 21.87 -8.21 25.44
N ILE B 256 21.32 -7.30 24.64
CA ILE B 256 21.49 -5.86 24.90
C ILE B 256 20.90 -5.44 26.26
N LEU B 257 19.66 -5.83 26.54
CA LEU B 257 19.02 -5.47 27.80
C LEU B 257 19.77 -6.10 28.97
N THR B 258 20.17 -7.35 28.79
CA THR B 258 20.85 -8.08 29.86
C THR B 258 22.24 -7.53 30.16
N THR B 259 23.05 -7.39 29.12
CA THR B 259 24.42 -6.93 29.23
C THR B 259 24.57 -5.49 29.73
N ASN B 260 23.56 -4.64 29.50
CA ASN B 260 23.67 -3.24 29.90
C ASN B 260 22.88 -2.94 31.18
N ALA B 261 22.26 -3.98 31.71
CA ALA B 261 21.35 -3.89 32.84
C ALA B 261 20.30 -2.80 32.63
N VAL B 262 19.68 -2.79 31.45
CA VAL B 262 18.71 -1.75 31.12
C VAL B 262 17.50 -1.80 32.07
N ALA B 263 17.03 -0.63 32.50
CA ALA B 263 15.90 -0.55 33.44
C ALA B 263 14.56 -0.24 32.76
N THR B 264 14.60 0.62 31.75
CA THR B 264 13.43 0.95 30.97
C THR B 264 13.77 0.95 29.50
N THR B 265 12.80 0.60 28.67
CA THR B 265 12.98 0.61 27.23
C THR B 265 11.68 1.03 26.53
N CYS B 266 11.79 1.45 25.27
CA CYS B 266 10.61 1.72 24.46
C CYS B 266 10.65 0.87 23.21
N LEU B 267 9.55 0.19 22.90
CA LEU B 267 9.54 -0.80 21.81
C LEU B 267 8.32 -0.65 20.88
N VAL B 268 8.36 -1.27 19.70
CA VAL B 268 7.14 -1.55 18.93
C VAL B 268 6.81 -3.04 19.13
N PRO B 269 5.51 -3.43 19.01
CA PRO B 269 5.04 -4.81 19.21
C PRO B 269 5.90 -5.92 18.61
N THR B 270 6.36 -5.75 17.37
CA THR B 270 7.26 -6.75 16.77
C THR B 270 8.46 -7.01 17.67
N LEU B 271 9.14 -5.94 18.06
CA LEU B 271 10.32 -6.04 18.92
C LEU B 271 9.96 -6.65 20.27
N LEU B 272 8.79 -6.29 20.82
CA LEU B 272 8.30 -6.91 22.04
C LEU B 272 8.11 -8.42 21.87
N SER B 273 7.51 -8.83 20.75
CA SER B 273 7.29 -10.25 20.43
C SER B 273 8.59 -11.00 20.41
N LYS B 274 9.63 -10.35 19.87
CA LYS B 274 10.94 -10.97 19.73
C LYS B 274 11.61 -11.08 21.08
N LEU B 275 11.46 -10.06 21.92
CA LEU B 275 11.97 -10.14 23.28
C LEU B 275 11.37 -11.35 24.01
N VAL B 276 10.05 -11.47 23.95
CA VAL B 276 9.31 -12.61 24.50
C VAL B 276 9.84 -13.93 23.93
N SER B 277 9.79 -14.07 22.61
CA SER B 277 10.40 -15.20 21.90
C SER B 277 11.83 -15.48 22.40
N GLU B 278 12.67 -14.44 22.46
CA GLU B 278 14.03 -14.56 23.00
C GLU B 278 14.06 -15.01 24.46
N LEU B 279 13.15 -14.47 25.27
CA LEU B 279 13.03 -14.81 26.70
C LEU B 279 12.52 -16.26 26.95
N LYS B 280 11.57 -16.73 26.13
CA LYS B 280 11.08 -18.10 26.22
C LYS B 280 12.21 -19.10 25.95
N SER B 281 12.75 -19.01 24.73
CA SER B 281 13.85 -19.83 24.25
C SER B 281 15.08 -19.93 25.20
N ALA B 282 15.38 -18.87 25.94
CA ALA B 282 16.59 -18.81 26.76
C ALA B 282 16.37 -19.04 28.27
N ASN B 283 15.10 -19.22 28.67
CA ASN B 283 14.74 -19.40 30.09
C ASN B 283 15.33 -18.31 30.98
N ALA B 284 15.12 -17.07 30.55
CA ALA B 284 15.68 -15.92 31.24
C ALA B 284 14.58 -14.93 31.56
N THR B 285 14.90 -14.06 32.51
CA THR B 285 14.14 -12.84 32.69
C THR B 285 15.16 -11.70 32.50
N VAL B 286 14.70 -10.45 32.39
CA VAL B 286 15.61 -9.32 32.49
C VAL B 286 15.40 -8.76 33.91
N PRO B 287 16.36 -9.04 34.82
CA PRO B 287 16.23 -8.69 36.24
C PRO B 287 16.21 -7.17 36.47
N SER B 288 17.00 -6.45 35.68
CA SER B 288 17.13 -5.02 35.82
C SER B 288 15.87 -4.29 35.32
N LEU B 289 15.08 -4.97 34.49
CA LEU B 289 14.04 -4.29 33.69
C LEU B 289 12.83 -3.87 34.52
N ARG B 290 12.54 -2.58 34.53
CA ARG B 290 11.45 -2.09 35.36
C ARG B 290 10.20 -1.70 34.54
N LEU B 291 10.44 -1.13 33.37
CA LEU B 291 9.35 -0.55 32.59
C LEU B 291 9.60 -0.67 31.09
N VAL B 292 8.55 -1.08 30.37
CA VAL B 292 8.58 -1.21 28.93
C VAL B 292 7.44 -0.39 28.34
N GLY B 293 7.75 0.61 27.52
CA GLY B 293 6.72 1.31 26.78
C GLY B 293 6.64 0.61 25.43
N TYR B 294 5.46 0.66 24.81
CA TYR B 294 5.25 0.01 23.52
C TYR B 294 4.05 0.60 22.78
N GLY B 295 4.09 0.51 21.44
CA GLY B 295 3.09 1.08 20.57
C GLY B 295 3.66 1.22 19.17
N GLY B 296 2.86 1.73 18.23
CA GLY B 296 3.34 1.90 16.86
C GLY B 296 2.66 0.97 15.88
N SER B 297 2.15 -0.16 16.39
CA SER B 297 1.33 -1.09 15.62
C SER B 297 0.23 -1.67 16.52
N ARG B 298 -0.42 -2.73 16.05
CA ARG B 298 -1.37 -3.40 16.93
C ARG B 298 -0.65 -4.17 18.02
N ALA B 299 -0.90 -3.81 19.27
CA ALA B 299 -0.32 -4.51 20.42
C ALA B 299 -0.80 -5.96 20.50
N ILE B 300 0.06 -6.81 21.06
CA ILE B 300 -0.30 -8.22 21.22
C ILE B 300 -0.44 -8.55 22.70
N ALA B 301 -1.68 -8.73 23.15
CA ALA B 301 -1.97 -8.91 24.58
C ALA B 301 -1.19 -10.07 25.22
N ALA B 302 -1.01 -11.19 24.51
CA ALA B 302 -0.19 -12.30 25.03
C ALA B 302 1.30 -11.95 25.33
N ASP B 303 1.96 -11.18 24.46
CA ASP B 303 3.35 -10.79 24.74
C ASP B 303 3.40 -9.89 25.98
N VAL B 304 2.49 -8.91 26.04
CA VAL B 304 2.42 -8.01 27.17
C VAL B 304 2.27 -8.73 28.51
N ARG B 305 1.36 -9.70 28.55
CA ARG B 305 1.10 -10.52 29.74
C ARG B 305 2.33 -11.34 30.15
N PHE B 306 3.04 -11.87 29.16
CA PHE B 306 4.26 -12.62 29.42
C PHE B 306 5.22 -11.69 30.16
N ILE B 307 5.50 -10.54 29.57
CA ILE B 307 6.40 -9.57 30.15
C ILE B 307 5.99 -9.16 31.58
N GLU B 308 4.72 -8.86 31.81
CA GLU B 308 4.31 -8.37 33.12
C GLU B 308 4.38 -9.45 34.23
N ALA B 309 4.25 -10.71 33.82
CA ALA B 309 4.35 -11.84 34.75
C ALA B 309 5.78 -11.99 35.25
N THR B 310 6.69 -11.36 34.54
CA THR B 310 8.10 -11.31 34.89
C THR B 310 8.33 -10.17 35.91
N GLY B 311 7.27 -9.43 36.20
CA GLY B 311 7.35 -8.34 37.17
C GLY B 311 7.47 -6.97 36.52
N VAL B 312 7.49 -6.94 35.19
CA VAL B 312 7.66 -5.70 34.44
C VAL B 312 6.36 -4.90 34.24
N ARG B 313 6.39 -3.64 34.66
CA ARG B 313 5.33 -2.69 34.37
C ARG B 313 5.38 -2.36 32.88
N THR B 314 4.23 -2.12 32.27
CA THR B 314 4.23 -1.76 30.86
C THR B 314 3.21 -0.68 30.65
N ALA B 315 3.40 0.06 29.57
CA ALA B 315 2.51 1.14 29.18
C ALA B 315 2.34 1.14 27.66
N GLN B 316 1.11 0.94 27.18
CA GLN B 316 0.88 1.11 25.76
C GLN B 316 0.89 2.60 25.57
N VAL B 317 1.69 3.07 24.64
CA VAL B 317 1.70 4.50 24.34
C VAL B 317 1.15 4.76 22.94
N TYR B 318 0.01 5.42 22.86
CA TYR B 318 -0.63 5.69 21.60
C TYR B 318 -0.38 7.15 21.18
N GLY B 319 0.08 7.33 19.95
CA GLY B 319 0.46 8.63 19.45
C GLY B 319 1.12 8.55 18.08
N LEU B 320 1.21 9.70 17.43
CA LEU B 320 1.75 9.79 16.09
C LEU B 320 2.73 10.93 16.13
N SER B 321 3.53 11.05 15.08
CA SER B 321 4.36 12.24 14.87
C SER B 321 3.55 13.51 15.11
N GLU B 322 2.37 13.56 14.50
CA GLU B 322 1.52 14.74 14.51
C GLU B 322 1.13 15.15 15.93
N THR B 323 0.91 14.16 16.78
CA THR B 323 0.49 14.41 18.16
C THR B 323 1.68 14.54 19.10
N GLY B 324 2.89 14.63 18.53
CA GLY B 324 4.10 14.70 19.33
C GLY B 324 4.27 13.51 20.23
N CYS B 325 4.02 12.32 19.67
CA CYS B 325 4.09 11.08 20.42
C CYS B 325 2.81 10.80 21.19
N THR B 326 2.90 9.99 22.23
CA THR B 326 1.73 9.43 22.86
C THR B 326 0.75 10.49 23.34
N ALA B 327 -0.52 10.29 23.00
CA ALA B 327 -1.60 11.11 23.51
C ALA B 327 -2.53 10.27 24.37
N LEU B 328 -2.45 8.95 24.20
CA LEU B 328 -3.28 8.03 24.97
C LEU B 328 -2.33 7.00 25.55
N CYS B 329 -2.70 6.42 26.68
CA CYS B 329 -1.79 5.52 27.35
C CYS B 329 -2.58 4.42 28.03
N LEU B 330 -2.14 3.17 27.84
CA LEU B 330 -2.72 2.03 28.55
C LEU B 330 -1.69 1.41 29.49
N PRO B 331 -1.78 1.77 30.79
CA PRO B 331 -0.83 1.33 31.82
C PRO B 331 -1.18 -0.04 32.39
N THR B 332 -0.18 -0.86 32.68
CA THR B 332 -0.41 -2.13 33.37
C THR B 332 -1.36 -1.92 34.54
N ASP B 333 -2.47 -2.65 34.56
CA ASP B 333 -3.42 -2.58 35.67
C ASP B 333 -4.32 -3.80 35.65
N ASP B 334 -5.06 -4.04 36.74
CA ASP B 334 -5.97 -5.15 36.75
C ASP B 334 -6.98 -4.89 35.64
N GLY B 335 -7.19 -5.90 34.81
CA GLY B 335 -8.09 -5.78 33.68
C GLY B 335 -7.46 -5.11 32.46
N SER B 336 -6.19 -4.76 32.54
CA SER B 336 -5.49 -4.17 31.39
C SER B 336 -5.10 -5.15 30.25
N ILE B 337 -4.95 -6.43 30.56
CA ILE B 337 -4.65 -7.44 29.51
C ILE B 337 -5.90 -7.78 28.67
N VAL B 338 -7.07 -7.73 29.31
CA VAL B 338 -8.35 -8.04 28.66
C VAL B 338 -8.74 -6.88 27.77
N LYS B 339 -8.47 -5.68 28.26
CA LYS B 339 -8.71 -4.50 27.46
C LYS B 339 -7.83 -4.54 26.21
N ILE B 340 -6.55 -4.86 26.35
CA ILE B 340 -5.64 -4.89 25.19
C ILE B 340 -6.00 -5.97 24.17
N GLU B 341 -6.34 -7.15 24.66
CA GLU B 341 -6.82 -8.24 23.81
C GLU B 341 -8.13 -7.82 23.11
N ALA B 342 -8.91 -6.97 23.78
CA ALA B 342 -10.15 -6.45 23.23
C ALA B 342 -9.91 -5.40 22.13
N GLY B 343 -8.72 -4.81 22.08
CA GLY B 343 -8.47 -3.77 21.10
C GLY B 343 -8.41 -2.36 21.66
N ALA B 344 -8.30 -2.22 22.97
CA ALA B 344 -8.14 -0.90 23.57
C ALA B 344 -6.75 -0.29 23.24
N VAL B 345 -6.72 1.01 22.97
CA VAL B 345 -5.47 1.72 22.69
C VAL B 345 -4.96 2.52 23.90
N GLY B 346 -5.88 3.05 24.69
CA GLY B 346 -5.54 3.83 25.86
C GLY B 346 -6.61 4.81 26.32
N ARG B 347 -6.30 5.52 27.41
CA ARG B 347 -7.10 6.63 27.90
C ARG B 347 -6.22 7.87 27.78
N PRO B 348 -6.82 9.04 27.52
CA PRO B 348 -5.99 10.25 27.42
C PRO B 348 -5.34 10.65 28.74
N TYR B 349 -4.26 11.40 28.67
CA TYR B 349 -3.65 11.96 29.88
C TYR B 349 -4.51 13.12 30.34
N PRO B 350 -4.50 13.42 31.65
CA PRO B 350 -5.26 14.59 32.11
C PRO B 350 -4.75 15.86 31.42
N GLY B 351 -5.66 16.66 30.86
CA GLY B 351 -5.25 17.89 30.20
C GLY B 351 -5.14 17.71 28.69
N VAL B 352 -5.20 16.47 28.23
CA VAL B 352 -5.20 16.21 26.79
C VAL B 352 -6.65 16.04 26.33
N ASP B 353 -7.08 16.87 25.39
CA ASP B 353 -8.46 16.82 24.91
C ASP B 353 -8.66 15.85 23.72
N VAL B 354 -9.67 14.99 23.83
CA VAL B 354 -10.01 14.01 22.80
C VAL B 354 -11.44 14.24 22.31
N TYR B 355 -11.70 13.93 21.04
CA TYR B 355 -12.99 14.21 20.40
C TYR B 355 -13.19 13.28 19.20
N LEU B 356 -14.19 12.42 19.26
CA LEU B 356 -14.54 11.59 18.12
C LEU B 356 -15.57 12.30 17.23
N ALA B 357 -15.15 12.61 16.01
CA ALA B 357 -16.03 13.19 14.99
C ALA B 357 -16.73 12.08 14.17
N ALA B 358 -18.06 12.02 14.26
CA ALA B 358 -18.82 11.01 13.52
C ALA B 358 -18.53 11.05 12.02
N THR B 359 -18.44 12.26 11.47
CA THR B 359 -18.21 12.45 10.02
C THR B 359 -16.86 13.09 9.74
N ASP B 360 -16.21 12.65 8.66
CA ASP B 360 -14.96 13.28 8.25
C ASP B 360 -15.26 14.61 7.57
N GLY B 361 -14.37 15.59 7.74
CA GLY B 361 -14.66 16.95 7.29
C GLY B 361 -15.12 17.89 8.41
N ILE B 362 -16.15 17.47 9.15
CA ILE B 362 -16.58 18.20 10.34
C ILE B 362 -15.64 17.87 11.50
N GLY B 363 -14.78 18.82 11.83
CA GLY B 363 -13.89 18.76 12.97
C GLY B 363 -14.50 19.36 14.23
N PRO B 364 -13.73 19.41 15.30
CA PRO B 364 -14.20 19.97 16.56
C PRO B 364 -14.55 21.44 16.37
N THR B 365 -13.77 22.14 15.56
CA THR B 365 -13.96 23.57 15.36
C THR B 365 -15.27 23.85 14.63
N ALA B 366 -15.62 22.98 13.69
CA ALA B 366 -16.70 23.24 12.74
C ALA B 366 -18.00 23.65 13.41
N PRO B 367 -18.82 24.51 12.64
CA PRO B 367 -19.97 25.05 13.39
C PRO B 367 -20.96 24.01 13.90
N GLY B 368 -21.50 24.28 15.09
CA GLY B 368 -22.36 23.37 15.80
C GLY B 368 -21.86 21.94 15.71
N ALA B 369 -20.54 21.79 15.76
CA ALA B 369 -19.89 20.48 15.65
C ALA B 369 -20.48 19.45 16.61
N GLY B 370 -21.14 19.93 17.66
CA GLY B 370 -21.70 19.05 18.66
C GLY B 370 -20.57 18.54 19.51
N PRO B 371 -20.90 17.81 20.58
CA PRO B 371 -19.78 17.31 21.39
C PRO B 371 -19.22 16.03 20.76
N SER B 372 -18.18 15.44 21.36
CA SER B 372 -17.62 14.19 20.87
C SER B 372 -18.64 13.04 20.82
N ALA B 373 -18.58 12.27 19.74
CA ALA B 373 -19.35 11.04 19.66
C ALA B 373 -18.61 9.95 20.44
N SER B 374 -19.23 8.78 20.57
CA SER B 374 -18.56 7.63 21.18
C SER B 374 -17.93 6.74 20.11
N PHE B 375 -18.04 7.12 18.84
CA PHE B 375 -17.41 6.41 17.73
C PHE B 375 -17.09 7.35 16.58
N GLY B 376 -15.89 7.26 16.02
CA GLY B 376 -15.52 8.15 14.92
C GLY B 376 -14.04 8.45 14.78
N THR B 377 -13.70 9.43 13.92
CA THR B 377 -12.28 9.75 13.66
C THR B 377 -11.66 10.52 14.82
N LEU B 378 -10.52 10.04 15.32
CA LEU B 378 -9.93 10.59 16.53
C LEU B 378 -9.23 11.94 16.29
N TRP B 379 -9.71 12.98 16.98
CA TRP B 379 -9.03 14.27 16.96
C TRP B 379 -8.37 14.51 18.32
N ILE B 380 -7.17 15.08 18.34
CA ILE B 380 -6.51 15.36 19.62
C ILE B 380 -6.04 16.82 19.86
N LYS B 381 -6.39 17.33 21.04
CA LYS B 381 -5.87 18.62 21.51
C LYS B 381 -4.95 18.38 22.70
N SER B 382 -3.66 18.45 22.42
CA SER B 382 -2.63 18.05 23.36
C SER B 382 -1.56 19.13 23.34
N PRO B 383 -1.03 19.49 24.52
CA PRO B 383 0.10 20.44 24.55
C PRO B 383 1.37 19.90 23.86
N ALA B 384 1.41 18.61 23.55
CA ALA B 384 2.54 18.06 22.78
C ALA B 384 2.36 18.09 21.24
N ASN B 385 1.24 18.63 20.76
CA ASN B 385 0.93 18.64 19.32
C ASN B 385 1.95 19.36 18.42
N MSE B 386 2.10 18.87 17.18
CA MSE B 386 3.05 19.45 16.21
C MSE B 386 2.66 20.83 15.75
O MSE B 386 1.47 21.18 15.80
CB MSE B 386 3.09 18.54 14.99
CG MSE B 386 1.76 18.58 14.23
SE MSE B 386 2.02 18.10 12.34
CE MSE B 386 3.76 18.99 12.06
N LEU B 387 3.65 21.63 15.33
CA LEU B 387 3.38 22.99 14.84
C LEU B 387 2.81 22.97 13.42
N GLY B 388 2.96 21.84 12.75
CA GLY B 388 2.47 21.69 11.38
C GLY B 388 3.48 20.98 10.51
N TYR B 389 3.07 20.68 9.28
CA TYR B 389 3.95 20.04 8.30
C TYR B 389 4.79 21.09 7.59
N TRP B 390 6.08 20.85 7.47
CA TRP B 390 7.00 21.83 6.85
C TRP B 390 6.74 22.13 5.36
N ASN B 391 6.51 23.42 5.07
CA ASN B 391 6.20 23.92 3.71
C ASN B 391 4.99 23.23 3.08
N ASN B 392 4.01 22.91 3.92
CA ASN B 392 2.76 22.27 3.51
C ASN B 392 1.56 22.93 4.15
N PRO B 393 1.25 24.18 3.77
CA PRO B 393 0.15 24.93 4.40
C PRO B 393 -1.20 24.28 4.14
N GLU B 394 -1.42 23.77 2.92
CA GLU B 394 -2.72 23.19 2.59
C GLU B 394 -3.00 21.89 3.38
N ARG B 395 -2.06 20.96 3.41
CA ARG B 395 -2.25 19.74 4.20
C ARG B 395 -2.34 20.07 5.69
N THR B 396 -1.46 20.96 6.16
CA THR B 396 -1.44 21.40 7.57
C THR B 396 -2.77 22.00 7.99
N ALA B 397 -3.31 22.90 7.18
CA ALA B 397 -4.58 23.56 7.49
C ALA B 397 -5.75 22.59 7.69
N GLU B 398 -5.67 21.40 7.09
CA GLU B 398 -6.72 20.39 7.24
C GLU B 398 -6.52 19.38 8.36
N VAL B 399 -5.28 19.18 8.77
CA VAL B 399 -4.97 18.21 9.84
C VAL B 399 -4.92 18.90 11.21
N LEU B 400 -4.50 20.17 11.24
CA LEU B 400 -4.37 20.92 12.50
C LEU B 400 -5.15 22.23 12.51
N ILE B 401 -6.16 22.27 13.38
CA ILE B 401 -7.10 23.36 13.44
C ILE B 401 -7.34 23.72 14.91
N ASP B 402 -6.99 24.97 15.26
CA ASP B 402 -7.15 25.48 16.62
C ASP B 402 -6.51 24.56 17.67
N GLY B 403 -5.30 24.11 17.42
CA GLY B 403 -4.67 23.19 18.35
C GLY B 403 -5.11 21.74 18.21
N TRP B 404 -6.20 21.47 17.51
CA TRP B 404 -6.68 20.08 17.35
C TRP B 404 -6.00 19.34 16.18
N VAL B 405 -5.60 18.10 16.44
CA VAL B 405 -4.97 17.31 15.39
C VAL B 405 -5.85 16.13 15.04
N ASN B 406 -6.07 15.96 13.74
CA ASN B 406 -6.72 14.76 13.23
C ASN B 406 -5.72 13.59 13.15
N THR B 407 -5.92 12.57 13.97
CA THR B 407 -5.06 11.39 13.92
C THR B 407 -5.34 10.56 12.68
N GLY B 408 -6.53 10.73 12.11
CA GLY B 408 -6.98 9.89 11.02
C GLY B 408 -7.48 8.52 11.48
N ASP B 409 -7.15 8.14 12.71
CA ASP B 409 -7.55 6.82 13.20
C ASP B 409 -9.04 6.71 13.49
N LEU B 410 -9.55 5.49 13.40
CA LEU B 410 -10.97 5.26 13.64
C LEU B 410 -11.16 4.52 14.96
N LEU B 411 -11.88 5.14 15.89
CA LEU B 411 -12.02 4.57 17.22
C LEU B 411 -13.43 4.68 17.82
N GLU B 412 -13.64 3.88 18.87
CA GLU B 412 -14.84 3.90 19.68
C GLU B 412 -14.45 4.12 21.14
N ARG B 413 -15.16 5.05 21.78
CA ARG B 413 -14.97 5.36 23.19
C ARG B 413 -15.95 4.49 23.99
N ARG B 414 -15.43 3.61 24.82
CA ARG B 414 -16.33 2.71 25.49
C ARG B 414 -16.82 3.24 26.82
N GLU B 415 -17.73 2.46 27.41
CA GLU B 415 -18.30 2.71 28.72
C GLU B 415 -17.23 3.02 29.77
N ASP B 416 -16.13 2.25 29.74
CA ASP B 416 -15.04 2.39 30.70
C ASP B 416 -14.11 3.58 30.44
N GLY B 417 -14.42 4.41 29.46
CA GLY B 417 -13.62 5.58 29.19
C GLY B 417 -12.35 5.31 28.36
N PHE B 418 -12.10 4.05 28.04
CA PHE B 418 -10.98 3.73 27.15
C PHE B 418 -11.40 3.82 25.69
N PHE B 419 -10.42 3.98 24.79
CA PHE B 419 -10.65 3.99 23.33
C PHE B 419 -10.22 2.65 22.71
N TYR B 420 -11.06 2.11 21.83
CA TYR B 420 -10.83 0.79 21.25
C TYR B 420 -10.71 0.86 19.73
N ILE B 421 -9.94 -0.08 19.19
CA ILE B 421 -9.54 -0.11 17.79
C ILE B 421 -10.63 -0.77 16.95
N LYS B 422 -11.47 -1.58 17.60
CA LYS B 422 -12.52 -2.32 16.90
C LYS B 422 -13.84 -2.27 17.65
N GLY B 423 -14.83 -3.01 17.14
CA GLY B 423 -16.15 -3.03 17.75
C GLY B 423 -16.28 -4.26 18.60
N ARG B 424 -17.34 -4.31 19.42
CA ARG B 424 -17.55 -5.47 20.28
C ARG B 424 -17.71 -6.76 19.46
N SER B 425 -17.07 -7.83 19.91
CA SER B 425 -16.94 -9.03 19.10
C SER B 425 -18.26 -9.75 18.84
N SER B 426 -18.48 -10.10 17.56
CA SER B 426 -19.56 -10.98 17.18
C SER B 426 -19.34 -12.37 17.77
N GLU B 427 -18.07 -12.80 17.75
CA GLU B 427 -17.71 -14.15 18.20
C GLU B 427 -17.95 -15.14 17.06
N MSE B 428 -18.37 -14.61 15.92
CA MSE B 428 -18.56 -15.39 14.71
C MSE B 428 -17.82 -14.73 13.59
O MSE B 428 -17.86 -13.48 13.48
CB MSE B 428 -20.04 -15.40 14.37
CG MSE B 428 -20.82 -16.25 15.36
SE MSE B 428 -20.97 -18.07 14.64
CE MSE B 428 -22.81 -17.96 13.98
N ILE B 429 -17.15 -15.50 12.75
CA ILE B 429 -16.47 -14.93 11.59
C ILE B 429 -17.52 -14.85 10.48
N ILE B 430 -17.82 -13.63 10.00
CA ILE B 430 -18.77 -13.48 8.89
C ILE B 430 -18.02 -13.35 7.56
N CYS B 431 -17.98 -14.45 6.81
CA CYS B 431 -17.31 -14.45 5.50
C CYS B 431 -18.32 -14.41 4.35
N GLY B 432 -18.37 -13.27 3.66
CA GLY B 432 -19.34 -13.07 2.58
C GLY B 432 -20.76 -13.38 3.03
N GLY B 433 -21.11 -12.90 4.21
CA GLY B 433 -22.46 -13.08 4.72
C GLY B 433 -22.74 -14.40 5.43
N VAL B 434 -21.78 -15.32 5.39
CA VAL B 434 -21.95 -16.61 6.05
C VAL B 434 -21.33 -16.59 7.45
N ASN B 435 -22.08 -17.05 8.44
CA ASN B 435 -21.57 -17.15 9.80
C ASN B 435 -20.80 -18.46 10.01
N ILE B 436 -19.63 -18.36 10.62
CA ILE B 436 -18.76 -19.51 10.81
C ILE B 436 -18.49 -19.64 12.30
N ALA B 437 -18.50 -20.86 12.82
CA ALA B 437 -18.28 -21.06 14.25
C ALA B 437 -16.85 -21.43 14.53
N PRO B 438 -16.13 -20.56 15.22
CA PRO B 438 -14.74 -20.80 15.59
C PRO B 438 -14.58 -22.12 16.37
N ASP B 439 -15.54 -22.45 17.23
CA ASP B 439 -15.49 -23.70 17.96
C ASP B 439 -15.62 -24.85 16.96
N GLU B 440 -16.63 -24.76 16.07
CA GLU B 440 -16.82 -25.76 15.02
C GLU B 440 -15.53 -25.98 14.19
N VAL B 441 -14.90 -24.88 13.74
CA VAL B 441 -13.69 -24.96 12.92
C VAL B 441 -12.51 -25.64 13.63
N ASP B 442 -12.29 -25.26 14.88
CA ASP B 442 -11.18 -25.82 15.64
C ASP B 442 -11.44 -27.30 15.94
N ARG B 443 -12.70 -27.63 16.20
CA ARG B 443 -13.16 -29.02 16.39
C ARG B 443 -12.67 -29.88 15.22
N ILE B 444 -12.95 -29.40 13.99
CA ILE B 444 -12.54 -30.11 12.77
C ILE B 444 -11.03 -30.32 12.67
N ALA B 445 -10.26 -29.25 12.86
CA ALA B 445 -8.82 -29.35 12.76
C ALA B 445 -8.23 -30.25 13.87
N GLU B 446 -8.83 -30.21 15.06
CA GLU B 446 -8.33 -31.06 16.13
C GLU B 446 -8.57 -32.54 15.77
N GLY B 447 -9.62 -32.83 14.99
CA GLY B 447 -9.95 -34.18 14.58
C GLY B 447 -9.06 -34.82 13.53
N VAL B 448 -8.05 -34.09 13.08
CA VAL B 448 -7.08 -34.61 12.11
C VAL B 448 -5.92 -35.23 12.88
N SER B 449 -5.59 -36.49 12.58
CA SER B 449 -4.46 -37.13 13.27
C SER B 449 -3.16 -36.38 12.97
N GLY B 450 -2.42 -36.03 14.02
CA GLY B 450 -1.24 -35.20 13.89
C GLY B 450 -1.41 -33.80 14.45
N VAL B 451 -2.64 -33.48 14.87
CA VAL B 451 -2.91 -32.18 15.47
C VAL B 451 -3.24 -32.32 16.95
N ARG B 452 -2.37 -31.77 17.79
CA ARG B 452 -2.55 -31.85 19.24
C ARG B 452 -3.61 -30.86 19.71
N GLU B 453 -3.58 -29.67 19.10
CA GLU B 453 -4.57 -28.59 19.31
C GLU B 453 -4.61 -27.61 18.12
N ALA B 454 -5.75 -26.97 17.90
CA ALA B 454 -5.92 -26.01 16.81
C ALA B 454 -6.80 -24.88 17.27
N ALA B 455 -6.56 -23.69 16.71
CA ALA B 455 -7.48 -22.57 16.92
C ALA B 455 -7.56 -21.66 15.69
N CYS B 456 -8.76 -21.26 15.32
CA CYS B 456 -8.88 -20.41 14.15
C CYS B 456 -8.87 -18.94 14.57
N TYR B 457 -8.75 -18.07 13.58
CA TYR B 457 -8.71 -16.63 13.83
C TYR B 457 -9.19 -15.89 12.57
N GLU B 458 -9.69 -14.68 12.77
CA GLU B 458 -10.28 -13.90 11.70
C GLU B 458 -9.20 -13.19 10.91
N ILE B 459 -9.20 -13.34 9.60
CA ILE B 459 -8.35 -12.52 8.74
C ILE B 459 -9.22 -11.53 7.99
N PRO B 460 -9.07 -10.24 8.30
CA PRO B 460 -9.95 -9.27 7.64
C PRO B 460 -9.74 -9.28 6.12
N ASP B 461 -10.83 -9.10 5.37
CA ASP B 461 -10.74 -9.02 3.93
C ASP B 461 -11.57 -7.85 3.42
N GLU B 462 -10.97 -7.07 2.53
CA GLU B 462 -11.65 -5.96 1.88
C GLU B 462 -12.99 -6.38 1.24
N GLU B 463 -12.98 -7.45 0.44
CA GLU B 463 -14.16 -7.80 -0.35
C GLU B 463 -15.15 -8.82 0.28
N PHE B 464 -14.63 -9.85 0.94
CA PHE B 464 -15.51 -10.84 1.56
C PHE B 464 -15.66 -10.63 3.07
N GLY B 465 -15.13 -9.52 3.56
CA GLY B 465 -15.27 -9.15 4.95
C GLY B 465 -14.23 -9.79 5.87
N ALA B 466 -14.38 -11.09 6.14
CA ALA B 466 -13.41 -11.85 6.93
C ALA B 466 -13.09 -13.22 6.34
N LEU B 467 -11.86 -13.68 6.49
CA LEU B 467 -11.52 -15.07 6.15
C LEU B 467 -11.12 -15.82 7.42
N VAL B 468 -11.15 -17.14 7.34
CA VAL B 468 -10.76 -17.96 8.48
C VAL B 468 -9.27 -18.25 8.37
N GLY B 469 -8.53 -17.94 9.42
CA GLY B 469 -7.15 -18.39 9.52
C GLY B 469 -7.13 -19.59 10.46
N LEU B 470 -6.18 -20.49 10.30
CA LEU B 470 -6.09 -21.62 11.21
C LEU B 470 -4.69 -21.83 11.77
N ALA B 471 -4.54 -21.69 13.09
CA ALA B 471 -3.27 -21.97 13.75
C ALA B 471 -3.31 -23.37 14.33
N VAL B 472 -2.25 -24.13 14.09
CA VAL B 472 -2.21 -25.53 14.46
C VAL B 472 -0.98 -25.80 15.36
N VAL B 473 -1.18 -26.54 16.43
CA VAL B 473 -0.05 -27.00 17.22
C VAL B 473 0.21 -28.46 16.87
N ALA B 474 1.38 -28.73 16.32
CA ALA B 474 1.72 -30.08 15.89
C ALA B 474 1.87 -31.03 17.07
N SER B 475 1.35 -32.24 16.92
CA SER B 475 1.50 -33.28 17.93
C SER B 475 2.97 -33.64 18.11
N ALA B 476 3.67 -33.72 16.99
CA ALA B 476 5.09 -34.08 16.99
C ALA B 476 5.87 -33.22 16.00
N GLU B 477 7.18 -33.10 16.24
CA GLU B 477 8.04 -32.32 15.35
C GLU B 477 8.07 -32.94 13.97
N LEU B 478 8.09 -32.09 12.94
CA LEU B 478 8.10 -32.54 11.55
C LEU B 478 9.23 -31.84 10.83
N ASP B 479 9.91 -32.54 9.92
CA ASP B 479 11.02 -31.94 9.16
C ASP B 479 10.53 -30.69 8.43
N GLU B 480 11.44 -29.91 7.90
CA GLU B 480 11.03 -28.67 7.23
C GLU B 480 10.09 -29.06 6.10
N SER B 481 10.43 -30.14 5.42
CA SER B 481 9.55 -30.77 4.45
C SER B 481 8.28 -31.33 5.10
N ALA B 482 8.45 -31.91 6.29
CA ALA B 482 7.44 -32.73 6.95
C ALA B 482 6.11 -32.06 7.33
N ALA B 483 6.17 -30.82 7.79
CA ALA B 483 4.97 -30.15 8.30
C ALA B 483 3.89 -29.98 7.25
N ARG B 484 4.30 -29.67 6.03
CA ARG B 484 3.39 -29.32 4.95
C ARG B 484 2.33 -30.40 4.64
N ALA B 485 2.73 -31.66 4.63
CA ALA B 485 1.75 -32.74 4.43
C ALA B 485 0.65 -32.65 5.48
N LEU B 486 0.98 -32.05 6.62
CA LEU B 486 -0.03 -31.74 7.63
C LEU B 486 -0.92 -30.59 7.15
N LYS B 487 -0.32 -29.55 6.56
CA LYS B 487 -1.12 -28.49 5.94
C LYS B 487 -2.08 -29.03 4.88
N HIS B 488 -1.58 -29.84 3.94
CA HIS B 488 -2.43 -30.48 2.92
C HIS B 488 -3.51 -31.37 3.53
N THR B 489 -3.13 -32.18 4.52
CA THR B 489 -4.08 -33.13 5.12
C THR B 489 -5.22 -32.42 5.84
N ILE B 490 -4.92 -31.33 6.55
CA ILE B 490 -5.95 -30.48 7.14
C ILE B 490 -6.78 -29.82 6.03
N ALA B 491 -6.10 -29.25 5.04
CA ALA B 491 -6.76 -28.59 3.92
C ALA B 491 -7.73 -29.57 3.26
N ALA B 492 -7.26 -30.79 3.02
CA ALA B 492 -8.08 -31.83 2.41
C ALA B 492 -9.33 -32.05 3.26
N ARG B 493 -9.12 -32.30 4.55
CA ARG B 493 -10.24 -32.56 5.46
C ARG B 493 -11.26 -31.43 5.39
N PHE B 494 -10.77 -30.20 5.43
CA PHE B 494 -11.68 -29.08 5.31
C PHE B 494 -12.31 -28.99 3.92
N ARG B 495 -11.58 -29.35 2.88
CA ARG B 495 -12.15 -29.34 1.53
C ARG B 495 -13.45 -30.15 1.48
N ARG B 496 -13.47 -31.25 2.21
CA ARG B 496 -14.57 -32.22 2.16
C ARG B 496 -15.83 -31.82 2.98
N GLU B 497 -15.85 -30.62 3.55
CA GLU B 497 -17.03 -30.16 4.31
C GLU B 497 -18.03 -29.40 3.43
N SER B 498 -19.30 -29.38 3.85
CA SER B 498 -20.39 -28.84 3.04
C SER B 498 -20.25 -27.37 2.63
N GLU B 499 -19.74 -26.52 3.53
CA GLU B 499 -19.69 -25.09 3.27
C GLU B 499 -18.31 -24.58 2.84
N PRO B 500 -18.27 -23.94 1.67
CA PRO B 500 -17.02 -23.35 1.14
C PRO B 500 -16.45 -22.23 2.00
N MSE B 501 -17.30 -21.37 2.54
CA MSE B 501 -16.85 -20.20 3.30
C MSE B 501 -16.09 -20.59 4.55
O MSE B 501 -15.12 -19.91 4.93
CB MSE B 501 -18.04 -19.32 3.65
CG MSE B 501 -18.91 -19.07 2.42
SE MSE B 501 -17.81 -18.40 0.93
CE MSE B 501 -18.53 -16.57 0.87
N ALA B 502 -16.54 -21.66 5.22
CA ALA B 502 -15.99 -22.06 6.49
C ALA B 502 -14.48 -22.33 6.43
N ARG B 503 -14.02 -22.88 5.32
CA ARG B 503 -12.64 -23.34 5.21
C ARG B 503 -11.57 -22.26 5.40
N PRO B 504 -10.54 -22.64 6.15
CA PRO B 504 -9.33 -21.86 6.42
C PRO B 504 -8.65 -21.45 5.12
N SER B 505 -8.44 -20.14 4.92
CA SER B 505 -7.78 -19.64 3.72
C SER B 505 -6.28 -19.72 3.92
N THR B 506 -5.88 -19.85 5.17
CA THR B 506 -4.47 -19.95 5.53
C THR B 506 -4.29 -20.89 6.72
N ILE B 507 -3.30 -21.78 6.64
CA ILE B 507 -2.95 -22.68 7.74
C ILE B 507 -1.51 -22.42 8.14
N VAL B 508 -1.29 -22.06 9.41
CA VAL B 508 0.06 -21.73 9.90
C VAL B 508 0.41 -22.61 11.10
N ILE B 509 1.68 -22.95 11.25
CA ILE B 509 2.06 -23.88 12.31
C ILE B 509 2.67 -23.18 13.50
N VAL B 510 2.07 -23.38 14.67
CA VAL B 510 2.57 -22.75 15.89
C VAL B 510 2.99 -23.77 16.95
N THR B 511 3.99 -23.39 17.72
CA THR B 511 4.40 -24.16 18.88
C THR B 511 3.56 -23.74 20.08
N ASP B 512 2.68 -22.75 19.88
CA ASP B 512 2.00 -22.07 20.99
C ASP B 512 0.70 -21.38 20.56
N ILE B 513 -0.39 -21.70 21.23
CA ILE B 513 -1.64 -20.96 21.12
C ILE B 513 -1.94 -20.29 22.46
N PRO B 514 -1.93 -18.95 22.46
CA PRO B 514 -2.13 -18.14 23.67
C PRO B 514 -3.50 -18.35 24.27
N ARG B 515 -3.56 -18.52 25.60
CA ARG B 515 -4.82 -18.73 26.31
C ARG B 515 -4.96 -17.82 27.54
N THR B 516 -6.19 -17.39 27.78
CA THR B 516 -6.58 -16.76 29.03
C THR B 516 -6.32 -17.71 30.20
N GLN B 517 -6.34 -17.18 31.43
CA GLN B 517 -6.15 -18.03 32.61
C GLN B 517 -7.40 -18.82 32.98
N SER B 518 -8.32 -18.94 32.01
CA SER B 518 -9.39 -19.93 32.06
C SER B 518 -9.01 -21.02 31.07
N GLY B 519 -8.36 -20.58 29.99
CA GLY B 519 -7.92 -21.50 28.96
C GLY B 519 -8.68 -21.30 27.67
N LYS B 520 -9.37 -20.17 27.56
CA LYS B 520 -9.97 -19.78 26.29
C LYS B 520 -8.89 -19.16 25.38
N VAL B 521 -8.94 -19.47 24.09
CA VAL B 521 -7.94 -18.98 23.18
C VAL B 521 -8.05 -17.47 23.06
N MSE B 522 -6.91 -16.79 23.07
CA MSE B 522 -6.91 -15.37 22.82
C MSE B 522 -6.73 -15.30 21.35
O MSE B 522 -5.59 -15.42 20.84
CB MSE B 522 -5.74 -14.73 23.57
CG MSE B 522 -5.91 -14.93 25.08
SE MSE B 522 -4.21 -14.59 26.02
CE MSE B 522 -4.11 -12.64 25.75
N ARG B 523 -7.82 -15.11 20.62
CA ARG B 523 -7.80 -15.13 19.16
C ARG B 523 -7.13 -13.93 18.47
N ALA B 524 -7.14 -12.77 19.12
CA ALA B 524 -6.47 -11.59 18.56
C ALA B 524 -4.93 -11.67 18.68
N SER B 525 -4.45 -12.15 19.84
CA SER B 525 -3.02 -12.38 20.07
C SER B 525 -2.50 -13.43 19.12
N LEU B 526 -3.29 -14.49 18.96
CA LEU B 526 -2.95 -15.55 18.01
C LEU B 526 -2.93 -15.00 16.58
N ALA B 527 -3.92 -14.17 16.22
CA ALA B 527 -4.00 -13.61 14.87
C ALA B 527 -2.86 -12.65 14.53
N ALA B 528 -2.16 -12.16 15.55
CA ALA B 528 -1.00 -11.31 15.34
C ALA B 528 0.24 -12.18 15.20
N ALA B 529 0.39 -13.12 16.12
CA ALA B 529 1.50 -14.05 16.09
C ALA B 529 1.44 -14.94 14.85
N ALA B 530 0.24 -15.39 14.50
CA ALA B 530 0.06 -16.27 13.35
C ALA B 530 0.45 -15.59 12.03
N THR B 531 0.06 -14.34 11.88
CA THR B 531 0.37 -13.60 10.65
C THR B 531 1.87 -13.43 10.45
N ALA B 532 2.59 -13.14 11.53
CA ALA B 532 4.03 -12.94 11.46
C ALA B 532 4.76 -14.27 11.38
S SO4 C . -4.69 23.04 -29.13
O1 SO4 C . -4.56 22.33 -30.40
O2 SO4 C . -5.87 23.91 -29.19
O3 SO4 C . -3.47 23.81 -28.90
O4 SO4 C . -4.86 22.11 -28.01
S SO4 D . -22.99 9.31 21.09
O1 SO4 D . -22.46 8.14 21.81
O2 SO4 D . -22.80 10.55 21.85
O3 SO4 D . -24.41 9.08 20.86
O4 SO4 D . -22.33 9.45 19.79
S SO4 E . -21.34 -5.73 -33.56
O1 SO4 E . -21.03 -7.14 -33.84
O2 SO4 E . -20.55 -5.30 -32.41
O3 SO4 E . -21.02 -4.91 -34.73
O4 SO4 E . -22.76 -5.56 -33.25
S SO4 F . 7.92 0.88 39.74
O1 SO4 F . 9.17 1.06 40.46
O2 SO4 F . 7.55 2.10 39.03
O3 SO4 F . 8.07 -0.22 38.78
O4 SO4 F . 6.86 0.56 40.69
#